data_394D
# 
_entry.id   394D 
# 
_audit_conform.dict_name       mmcif_pdbx.dic 
_audit_conform.dict_version    5.387 
_audit_conform.dict_location   http://mmcif.pdb.org/dictionaries/ascii/mmcif_pdbx.dic 
# 
loop_
_database_2.database_id 
_database_2.database_code 
_database_2.pdbx_database_accession 
_database_2.pdbx_DOI 
PDB   394D         pdb_0000394d 10.2210/pdb394d/pdb 
RCSB  UHJ074       ?            ?                   
WWPDB D_1000178858 ?            ?                   
# 
loop_
_pdbx_audit_revision_history.ordinal 
_pdbx_audit_revision_history.data_content_type 
_pdbx_audit_revision_history.major_revision 
_pdbx_audit_revision_history.minor_revision 
_pdbx_audit_revision_history.revision_date 
1 'Structure model' 1 0 1998-05-01 
2 'Structure model' 1 1 2008-05-22 
3 'Structure model' 1 2 2011-07-13 
4 'Structure model' 1 3 2024-02-21 
# 
_pdbx_audit_revision_details.ordinal             1 
_pdbx_audit_revision_details.revision_ordinal    1 
_pdbx_audit_revision_details.data_content_type   'Structure model' 
_pdbx_audit_revision_details.provider            repository 
_pdbx_audit_revision_details.type                'Initial release' 
_pdbx_audit_revision_details.description         ? 
_pdbx_audit_revision_details.details             ? 
# 
loop_
_pdbx_audit_revision_group.ordinal 
_pdbx_audit_revision_group.revision_ordinal 
_pdbx_audit_revision_group.data_content_type 
_pdbx_audit_revision_group.group 
1 2 'Structure model' 'Version format compliance' 
2 3 'Structure model' 'Version format compliance' 
3 4 'Structure model' 'Data collection'           
4 4 'Structure model' 'Database references'       
# 
loop_
_pdbx_audit_revision_category.ordinal 
_pdbx_audit_revision_category.revision_ordinal 
_pdbx_audit_revision_category.data_content_type 
_pdbx_audit_revision_category.category 
1 4 'Structure model' chem_comp_atom 
2 4 'Structure model' chem_comp_bond 
3 4 'Structure model' database_2     
# 
loop_
_pdbx_audit_revision_item.ordinal 
_pdbx_audit_revision_item.revision_ordinal 
_pdbx_audit_revision_item.data_content_type 
_pdbx_audit_revision_item.item 
1 4 'Structure model' '_database_2.pdbx_DOI'                
2 4 'Structure model' '_database_2.pdbx_database_accession' 
# 
_pdbx_database_status.status_code                     REL 
_pdbx_database_status.entry_id                        394D 
_pdbx_database_status.recvd_initial_deposition_date   1998-04-29 
_pdbx_database_status.deposit_site                    NDB 
_pdbx_database_status.process_site                    NDB 
_pdbx_database_status.SG_entry                        . 
_pdbx_database_status.status_code_sf                  ? 
_pdbx_database_status.status_code_mr                  ? 
_pdbx_database_status.pdb_format_compatible           Y 
_pdbx_database_status.status_code_cs                  ? 
_pdbx_database_status.status_code_nmr_data            ? 
_pdbx_database_status.methods_development_category    ? 
# 
loop_
_audit_author.name 
_audit_author.pdbx_ordinal 
'Ban, C.'           1 
'Sundaralingam, M.' 2 
# 
_citation.id                        primary 
_citation.title                     
'Crystal Structure of Two Self-Complementary Chimeric Decamers d(CCGG)r(C)d(GCCGG) and d(CCGG)r(CG)d(CCGG)' 
_citation.journal_abbrev            'To be Published' 
_citation.journal_volume            ? 
_citation.page_first                ? 
_citation.page_last                 ? 
_citation.year                      ? 
_citation.journal_id_ASTM           ? 
_citation.country                   ? 
_citation.journal_id_ISSN           ? 
_citation.journal_id_CSD            0353 
_citation.book_publisher            ? 
_citation.pdbx_database_id_PubMed   ? 
_citation.pdbx_database_id_DOI      ? 
# 
loop_
_citation_author.citation_id 
_citation_author.name 
_citation_author.ordinal 
_citation_author.identifier_ORCID 
primary 'Ban, C.'           1 ? 
primary 'Ramakrishnan, B.'  2 ? 
primary 'Sundaralingam, M.' 3 ? 
# 
loop_
_entity.id 
_entity.type 
_entity.src_method 
_entity.pdbx_description 
_entity.formula_weight 
_entity.pdbx_number_of_molecules 
_entity.pdbx_ec 
_entity.pdbx_mutation 
_entity.pdbx_fragment 
_entity.details 
1 polymer syn 
;DNA/RNA (5'-D(*CP*CP*GP*GP)-R(*CP*GP)-D(*CP*CP*GP*G)-3')
;
3078.980 2  ? ? ? ? 
2 water   nat water                                                      18.015   62 ? ? ? ? 
# 
_entity_poly.entity_id                      1 
_entity_poly.type                           'polydeoxyribonucleotide/polyribonucleotide hybrid' 
_entity_poly.nstd_linkage                   no 
_entity_poly.nstd_monomer                   no 
_entity_poly.pdbx_seq_one_letter_code       '(DC)(DC)(DG)(DG)CG(DC)(DC)(DG)(DG)' 
_entity_poly.pdbx_seq_one_letter_code_can   CCGGCGCCGG 
_entity_poly.pdbx_strand_id                 A,B 
_entity_poly.pdbx_target_identifier         ? 
# 
_pdbx_entity_nonpoly.entity_id   2 
_pdbx_entity_nonpoly.name        water 
_pdbx_entity_nonpoly.comp_id     HOH 
# 
loop_
_entity_poly_seq.entity_id 
_entity_poly_seq.num 
_entity_poly_seq.mon_id 
_entity_poly_seq.hetero 
1 1  DC n 
1 2  DC n 
1 3  DG n 
1 4  DG n 
1 5  C  n 
1 6  G  n 
1 7  DC n 
1 8  DC n 
1 9  DG n 
1 10 DG n 
# 
loop_
_chem_comp.id 
_chem_comp.type 
_chem_comp.mon_nstd_flag 
_chem_comp.name 
_chem_comp.pdbx_synonyms 
_chem_comp.formula 
_chem_comp.formula_weight 
C   'RNA linking' y "CYTIDINE-5'-MONOPHOSPHATE"          ? 'C9 H14 N3 O8 P'  323.197 
DC  'DNA linking' y "2'-DEOXYCYTIDINE-5'-MONOPHOSPHATE"  ? 'C9 H14 N3 O7 P'  307.197 
DG  'DNA linking' y "2'-DEOXYGUANOSINE-5'-MONOPHOSPHATE" ? 'C10 H14 N5 O7 P' 347.221 
G   'RNA linking' y "GUANOSINE-5'-MONOPHOSPHATE"         ? 'C10 H14 N5 O8 P' 363.221 
HOH non-polymer   . WATER                                ? 'H2 O'            18.015  
# 
loop_
_pdbx_poly_seq_scheme.asym_id 
_pdbx_poly_seq_scheme.entity_id 
_pdbx_poly_seq_scheme.seq_id 
_pdbx_poly_seq_scheme.mon_id 
_pdbx_poly_seq_scheme.ndb_seq_num 
_pdbx_poly_seq_scheme.pdb_seq_num 
_pdbx_poly_seq_scheme.auth_seq_num 
_pdbx_poly_seq_scheme.pdb_mon_id 
_pdbx_poly_seq_scheme.auth_mon_id 
_pdbx_poly_seq_scheme.pdb_strand_id 
_pdbx_poly_seq_scheme.pdb_ins_code 
_pdbx_poly_seq_scheme.hetero 
A 1 1  DC 1  1  1  DC C A . n 
A 1 2  DC 2  2  2  DC C A . n 
A 1 3  DG 3  3  3  DG G A . n 
A 1 4  DG 4  4  4  DG G A . n 
A 1 5  C  5  5  5  C  C A . n 
A 1 6  G  6  6  6  G  G A . n 
A 1 7  DC 7  7  7  DC C A . n 
A 1 8  DC 8  8  8  DC C A . n 
A 1 9  DG 9  9  9  DG G A . n 
A 1 10 DG 10 10 10 DG G A . n 
B 1 1  DC 1  11 11 DC C B . n 
B 1 2  DC 2  12 12 DC C B . n 
B 1 3  DG 3  13 13 DG G B . n 
B 1 4  DG 4  14 14 DG G B . n 
B 1 5  C  5  15 15 C  C B . n 
B 1 6  G  6  16 16 G  G B . n 
B 1 7  DC 7  17 17 DC C B . n 
B 1 8  DC 8  18 18 DC C B . n 
B 1 9  DG 9  19 19 DG G B . n 
B 1 10 DG 10 20 20 DG G B . n 
# 
loop_
_pdbx_nonpoly_scheme.asym_id 
_pdbx_nonpoly_scheme.entity_id 
_pdbx_nonpoly_scheme.mon_id 
_pdbx_nonpoly_scheme.ndb_seq_num 
_pdbx_nonpoly_scheme.pdb_seq_num 
_pdbx_nonpoly_scheme.auth_seq_num 
_pdbx_nonpoly_scheme.pdb_mon_id 
_pdbx_nonpoly_scheme.auth_mon_id 
_pdbx_nonpoly_scheme.pdb_strand_id 
_pdbx_nonpoly_scheme.pdb_ins_code 
C 2 HOH 1  22 22 HOH HOH A . 
C 2 HOH 2  23 23 HOH HOH A . 
C 2 HOH 3  26 26 HOH HOH A . 
C 2 HOH 4  30 30 HOH HOH A . 
C 2 HOH 5  31 31 HOH HOH A . 
C 2 HOH 6  32 32 HOH HOH A . 
C 2 HOH 7  33 33 HOH HOH A . 
C 2 HOH 8  34 34 HOH HOH A . 
C 2 HOH 9  35 35 HOH HOH A . 
C 2 HOH 10 40 40 HOH HOH A . 
C 2 HOH 11 45 45 HOH HOH A . 
C 2 HOH 12 48 48 HOH HOH A . 
C 2 HOH 13 49 49 HOH HOH A . 
C 2 HOH 14 50 50 HOH HOH A . 
C 2 HOH 15 53 53 HOH HOH A . 
C 2 HOH 16 54 54 HOH HOH A . 
C 2 HOH 17 56 56 HOH HOH A . 
C 2 HOH 18 58 58 HOH HOH A . 
C 2 HOH 19 59 59 HOH HOH A . 
C 2 HOH 20 61 61 HOH HOH A . 
C 2 HOH 21 67 67 HOH HOH A . 
C 2 HOH 22 68 68 HOH HOH A . 
C 2 HOH 23 71 71 HOH HOH A . 
C 2 HOH 24 73 73 HOH HOH A . 
C 2 HOH 25 75 75 HOH HOH A . 
C 2 HOH 26 76 76 HOH HOH A . 
C 2 HOH 27 77 77 HOH HOH A . 
C 2 HOH 28 78 78 HOH HOH A . 
C 2 HOH 29 80 80 HOH HOH A . 
C 2 HOH 30 82 82 HOH HOH A . 
D 2 HOH 1  21 21 HOH HOH B . 
D 2 HOH 2  24 24 HOH HOH B . 
D 2 HOH 3  25 25 HOH HOH B . 
D 2 HOH 4  27 27 HOH HOH B . 
D 2 HOH 5  28 28 HOH HOH B . 
D 2 HOH 6  29 29 HOH HOH B . 
D 2 HOH 7  36 36 HOH HOH B . 
D 2 HOH 8  37 37 HOH HOH B . 
D 2 HOH 9  38 38 HOH HOH B . 
D 2 HOH 10 39 39 HOH HOH B . 
D 2 HOH 11 41 41 HOH HOH B . 
D 2 HOH 12 42 42 HOH HOH B . 
D 2 HOH 13 43 43 HOH HOH B . 
D 2 HOH 14 44 44 HOH HOH B . 
D 2 HOH 15 46 46 HOH HOH B . 
D 2 HOH 16 47 47 HOH HOH B . 
D 2 HOH 17 51 51 HOH HOH B . 
D 2 HOH 18 52 52 HOH HOH B . 
D 2 HOH 19 55 55 HOH HOH B . 
D 2 HOH 20 57 57 HOH HOH B . 
D 2 HOH 21 60 60 HOH HOH B . 
D 2 HOH 22 62 62 HOH HOH B . 
D 2 HOH 23 63 63 HOH HOH B . 
D 2 HOH 24 64 64 HOH HOH B . 
D 2 HOH 25 65 65 HOH HOH B . 
D 2 HOH 26 66 66 HOH HOH B . 
D 2 HOH 27 69 69 HOH HOH B . 
D 2 HOH 28 70 70 HOH HOH B . 
D 2 HOH 29 72 72 HOH HOH B . 
D 2 HOH 30 74 74 HOH HOH B . 
D 2 HOH 31 79 79 HOH HOH B . 
D 2 HOH 32 81 81 HOH HOH B . 
# 
loop_
_software.name 
_software.classification 
_software.version 
_software.citation_id 
_software.pdbx_ordinal 
XENGEN 'data collection' .   ? 1 
XENGEN 'data reduction'  .   ? 2 
X-PLOR refinement        3.2 ? 3 
XENGEN 'data scaling'    .   ? 4 
# 
_cell.entry_id           394D 
_cell.length_a           25.650 
_cell.length_b           45.530 
_cell.length_c           47.930 
_cell.angle_alpha        90.00 
_cell.angle_beta         90.00 
_cell.angle_gamma        90.00 
_cell.Z_PDB              8 
_cell.pdbx_unique_axis   ? 
_cell.length_a_esd       ? 
_cell.length_b_esd       ? 
_cell.length_c_esd       ? 
_cell.angle_alpha_esd    ? 
_cell.angle_beta_esd     ? 
_cell.angle_gamma_esd    ? 
# 
_symmetry.entry_id                         394D 
_symmetry.space_group_name_H-M             'P 21 21 21' 
_symmetry.pdbx_full_space_group_name_H-M   ? 
_symmetry.cell_setting                     ? 
_symmetry.Int_Tables_number                19 
_symmetry.space_group_name_Hall            ? 
# 
_exptl.entry_id          394D 
_exptl.method            'X-RAY DIFFRACTION' 
_exptl.crystals_number   1 
# 
_exptl_crystal.id                    1 
_exptl_crystal.density_meas          ? 
_exptl_crystal.density_percent_sol   43.62 
_exptl_crystal.density_Matthews      2.18 
_exptl_crystal.description           ? 
_exptl_crystal.F_000                 ? 
_exptl_crystal.preparation           ? 
# 
_exptl_crystal_grow.crystal_id      1 
_exptl_crystal_grow.method          'VAPOR DIFFUSION, HANGING DROP' 
_exptl_crystal_grow.temp            291.00 
_exptl_crystal_grow.temp_details    ? 
_exptl_crystal_grow.pH              6.00 
_exptl_crystal_grow.pdbx_details    'pH 6.00, VAPOR DIFFUSION, HANGING DROP, temperature 291.00K' 
_exptl_crystal_grow.pdbx_pH_range   . 
# 
loop_
_exptl_crystal_grow_comp.crystal_id 
_exptl_crystal_grow_comp.id 
_exptl_crystal_grow_comp.sol_id 
_exptl_crystal_grow_comp.name 
_exptl_crystal_grow_comp.volume 
_exptl_crystal_grow_comp.conc 
_exptl_crystal_grow_comp.details 
1 1 1 WATER             ? ? ? 
1 2 1 NA-CACODYLATE     ? ? ? 
1 3 1 'COBALT HEXAMINE' ? ? ? 
1 4 1 MPD               ? ? ? 
1 5 2 WATER             ? ? ? 
1 6 2 MPD               ? ? ? 
# 
_diffrn.id                     1 
_diffrn.ambient_temp           ? 
_diffrn.ambient_temp_details   ? 
_diffrn.crystal_id             1 
# 
_diffrn_detector.diffrn_id              1 
_diffrn_detector.detector               'AREA DETECTOR' 
_diffrn_detector.type                   SIEMENS 
_diffrn_detector.pdbx_collection_date   1995-06-23 
_diffrn_detector.details                ? 
# 
_diffrn_radiation.diffrn_id                        1 
_diffrn_radiation.wavelength_id                    1 
_diffrn_radiation.pdbx_monochromatic_or_laue_m_l   M 
_diffrn_radiation.monochromator                    ? 
_diffrn_radiation.pdbx_diffrn_protocol             'SINGLE WAVELENGTH' 
_diffrn_radiation.pdbx_scattering_type             x-ray 
# 
_diffrn_radiation_wavelength.id           1 
_diffrn_radiation_wavelength.wavelength   . 
_diffrn_radiation_wavelength.wt           1.0 
# 
_diffrn_source.diffrn_id                   1 
_diffrn_source.source                      ? 
_diffrn_source.type                        ? 
_diffrn_source.pdbx_synchrotron_site       ? 
_diffrn_source.pdbx_synchrotron_beamline   ? 
_diffrn_source.pdbx_wavelength             ? 
_diffrn_source.pdbx_wavelength_list        ? 
# 
_reflns.entry_id                     394D 
_reflns.observed_criterion_sigma_I   ? 
_reflns.observed_criterion_sigma_F   ? 
_reflns.d_resolution_low             20.000 
_reflns.d_resolution_high            1.900 
_reflns.number_obs                   3970 
_reflns.number_all                   ? 
_reflns.percent_possible_obs         96.000 
_reflns.pdbx_Rmerge_I_obs            0.025 
_reflns.pdbx_Rsym_value              ? 
_reflns.pdbx_netI_over_sigmaI        ? 
_reflns.B_iso_Wilson_estimate        ? 
_reflns.pdbx_redundancy              4.000 
_reflns.R_free_details               ? 
_reflns.pdbx_chi_squared             ? 
_reflns.pdbx_scaling_rejects         ? 
_reflns.pdbx_diffrn_id               1 
_reflns.pdbx_ordinal                 1 
# 
_refine.entry_id                                 394D 
_refine.ls_number_reflns_obs                     3757 
_refine.ls_number_reflns_all                     ? 
_refine.pdbx_ls_sigma_I                          ? 
_refine.pdbx_ls_sigma_F                          1.000 
_refine.pdbx_data_cutoff_high_absF               ? 
_refine.pdbx_data_cutoff_low_absF                ? 
_refine.pdbx_data_cutoff_high_rms_absF           ? 
_refine.ls_d_res_low                             8.000 
_refine.ls_d_res_high                            1.900 
_refine.ls_percent_reflns_obs                    ? 
_refine.ls_R_factor_obs                          0.177 
_refine.ls_R_factor_all                          ? 
_refine.ls_R_factor_R_work                       0.177 
_refine.ls_R_factor_R_free                       ? 
_refine.ls_R_factor_R_free_error                 ? 
_refine.ls_R_factor_R_free_error_details         ? 
_refine.ls_percent_reflns_R_free                 ? 
_refine.ls_number_reflns_R_free                  ? 
_refine.ls_number_parameters                     ? 
_refine.ls_number_restraints                     ? 
_refine.occupancy_min                            ? 
_refine.occupancy_max                            ? 
_refine.B_iso_mean                               ? 
_refine.aniso_B[1][1]                            ? 
_refine.aniso_B[2][2]                            ? 
_refine.aniso_B[3][3]                            ? 
_refine.aniso_B[1][2]                            ? 
_refine.aniso_B[1][3]                            ? 
_refine.aniso_B[2][3]                            ? 
_refine.solvent_model_details                    ? 
_refine.solvent_model_param_ksol                 ? 
_refine.solvent_model_param_bsol                 ? 
_refine.pdbx_ls_cross_valid_method               ? 
_refine.details                                  ? 
_refine.pdbx_starting_model                      ? 
_refine.pdbx_method_to_determine_struct          ? 
_refine.pdbx_isotropic_thermal_model             ? 
_refine.pdbx_stereochemistry_target_values       ? 
_refine.pdbx_stereochem_target_val_spec_case     ? 
_refine.pdbx_R_Free_selection_details            ? 
_refine.pdbx_overall_ESU_R                       ? 
_refine.pdbx_overall_ESU_R_Free                  ? 
_refine.overall_SU_ML                            ? 
_refine.overall_SU_B                             ? 
_refine.ls_redundancy_reflns_obs                 ? 
_refine.correlation_coeff_Fo_to_Fc               ? 
_refine.correlation_coeff_Fo_to_Fc_free          ? 
_refine.pdbx_solvent_vdw_probe_radii             ? 
_refine.pdbx_solvent_ion_probe_radii             ? 
_refine.pdbx_solvent_shrinkage_radii             ? 
_refine.overall_SU_R_Cruickshank_DPI             ? 
_refine.overall_SU_R_free                        ? 
_refine.pdbx_refine_id                           'X-RAY DIFFRACTION' 
_refine.pdbx_overall_phase_error                 ? 
_refine.ls_wR_factor_R_free                      ? 
_refine.ls_wR_factor_R_work                      ? 
_refine.overall_FOM_free_R_set                   ? 
_refine.overall_FOM_work_R_set                   ? 
_refine.pdbx_diffrn_id                           1 
_refine.pdbx_TLS_residual_ADP_flag               ? 
_refine.pdbx_overall_SU_R_free_Cruickshank_DPI   ? 
_refine.pdbx_overall_SU_R_Blow_DPI               ? 
_refine.pdbx_overall_SU_R_free_Blow_DPI          ? 
# 
_refine_hist.pdbx_refine_id                   'X-RAY DIFFRACTION' 
_refine_hist.cycle_id                         LAST 
_refine_hist.pdbx_number_atoms_protein        0 
_refine_hist.pdbx_number_atoms_nucleic_acid   408 
_refine_hist.pdbx_number_atoms_ligand         0 
_refine_hist.number_atoms_solvent             62 
_refine_hist.number_atoms_total               470 
_refine_hist.d_res_high                       1.900 
_refine_hist.d_res_low                        8.000 
# 
loop_
_refine_ls_restr.type 
_refine_ls_restr.dev_ideal 
_refine_ls_restr.dev_ideal_target 
_refine_ls_restr.weight 
_refine_ls_restr.number 
_refine_ls_restr.pdbx_refine_id 
_refine_ls_restr.pdbx_restraint_function 
x_bond_d                0.013 ? ? ? 'X-RAY DIFFRACTION' ? 
x_bond_d_na             ?     ? ? ? 'X-RAY DIFFRACTION' ? 
x_bond_d_prot           ?     ? ? ? 'X-RAY DIFFRACTION' ? 
x_angle_d               ?     ? ? ? 'X-RAY DIFFRACTION' ? 
x_angle_d_na            ?     ? ? ? 'X-RAY DIFFRACTION' ? 
x_angle_d_prot          ?     ? ? ? 'X-RAY DIFFRACTION' ? 
x_angle_deg             3.60  ? ? ? 'X-RAY DIFFRACTION' ? 
x_angle_deg_na          ?     ? ? ? 'X-RAY DIFFRACTION' ? 
x_angle_deg_prot        ?     ? ? ? 'X-RAY DIFFRACTION' ? 
x_dihedral_angle_d      ?     ? ? ? 'X-RAY DIFFRACTION' ? 
x_dihedral_angle_d_na   ?     ? ? ? 'X-RAY DIFFRACTION' ? 
x_dihedral_angle_d_prot ?     ? ? ? 'X-RAY DIFFRACTION' ? 
x_improper_angle_d      ?     ? ? ? 'X-RAY DIFFRACTION' ? 
x_improper_angle_d_na   ?     ? ? ? 'X-RAY DIFFRACTION' ? 
x_improper_angle_d_prot ?     ? ? ? 'X-RAY DIFFRACTION' ? 
x_mcbond_it             ?     ? ? ? 'X-RAY DIFFRACTION' ? 
x_mcangle_it            ?     ? ? ? 'X-RAY DIFFRACTION' ? 
x_scbond_it             ?     ? ? ? 'X-RAY DIFFRACTION' ? 
x_scangle_it            ?     ? ? ? 'X-RAY DIFFRACTION' ? 
# 
_pdbx_xplor_file.serial_no        1 
_pdbx_xplor_file.param_file       PARAM11.DNA 
_pdbx_xplor_file.topol_file       ? 
_pdbx_xplor_file.pdbx_refine_id   'X-RAY DIFFRACTION' 
# 
_struct.entry_id                  394D 
_struct.title                     
'CRYSTAL STRUCTURE OF TWO SELF-COMPLEMENTARY CHIMERIC DECAMERS D(CCGG)R(C)D(GCCGG) AND D(CCGG)R(CG)D(CCGG)' 
_struct.pdbx_model_details        ? 
_struct.pdbx_CASP_flag            ? 
_struct.pdbx_model_type_details   ? 
# 
_struct_keywords.entry_id        394D 
_struct_keywords.pdbx_keywords   'DNA-RNA HYBRID' 
_struct_keywords.text            'A-DNA/RNA, DOUBLE HELIX, DNA-RNA HYBRID' 
# 
loop_
_struct_asym.id 
_struct_asym.pdbx_blank_PDB_chainid_flag 
_struct_asym.pdbx_modified 
_struct_asym.entity_id 
_struct_asym.details 
A N N 1 ? 
B N N 1 ? 
C N N 2 ? 
D N N 2 ? 
# 
_struct_ref.id                         1 
_struct_ref.entity_id                  1 
_struct_ref.db_name                    PDB 
_struct_ref.db_code                    394D 
_struct_ref.pdbx_db_accession          394D 
_struct_ref.pdbx_align_begin           ? 
_struct_ref.pdbx_seq_one_letter_code   ? 
_struct_ref.pdbx_db_isoform            ? 
# 
loop_
_struct_ref_seq.align_id 
_struct_ref_seq.ref_id 
_struct_ref_seq.pdbx_PDB_id_code 
_struct_ref_seq.pdbx_strand_id 
_struct_ref_seq.seq_align_beg 
_struct_ref_seq.pdbx_seq_align_beg_ins_code 
_struct_ref_seq.seq_align_end 
_struct_ref_seq.pdbx_seq_align_end_ins_code 
_struct_ref_seq.pdbx_db_accession 
_struct_ref_seq.db_align_beg 
_struct_ref_seq.pdbx_db_align_beg_ins_code 
_struct_ref_seq.db_align_end 
_struct_ref_seq.pdbx_db_align_end_ins_code 
_struct_ref_seq.pdbx_auth_seq_align_beg 
_struct_ref_seq.pdbx_auth_seq_align_end 
1 1 394D A 1 ? 10 ? 394D 1  ? 10 ? 1  10 
2 1 394D B 1 ? 10 ? 394D 11 ? 20 ? 11 20 
# 
_pdbx_struct_assembly.id                   1 
_pdbx_struct_assembly.details              author_defined_assembly 
_pdbx_struct_assembly.method_details       ? 
_pdbx_struct_assembly.oligomeric_details   dimeric 
_pdbx_struct_assembly.oligomeric_count     2 
# 
_pdbx_struct_assembly_gen.assembly_id       1 
_pdbx_struct_assembly_gen.oper_expression   1 
_pdbx_struct_assembly_gen.asym_id_list      A,B,C,D 
# 
_pdbx_struct_oper_list.id                   1 
_pdbx_struct_oper_list.type                 'identity operation' 
_pdbx_struct_oper_list.name                 1_555 
_pdbx_struct_oper_list.symmetry_operation   x,y,z 
_pdbx_struct_oper_list.matrix[1][1]         1.0000000000 
_pdbx_struct_oper_list.matrix[1][2]         0.0000000000 
_pdbx_struct_oper_list.matrix[1][3]         0.0000000000 
_pdbx_struct_oper_list.vector[1]            0.0000000000 
_pdbx_struct_oper_list.matrix[2][1]         0.0000000000 
_pdbx_struct_oper_list.matrix[2][2]         1.0000000000 
_pdbx_struct_oper_list.matrix[2][3]         0.0000000000 
_pdbx_struct_oper_list.vector[2]            0.0000000000 
_pdbx_struct_oper_list.matrix[3][1]         0.0000000000 
_pdbx_struct_oper_list.matrix[3][2]         0.0000000000 
_pdbx_struct_oper_list.matrix[3][3]         1.0000000000 
_pdbx_struct_oper_list.vector[3]            0.0000000000 
# 
_struct_biol.id                    1 
_struct_biol.pdbx_parent_biol_id   ? 
_struct_biol.details               ? 
# 
loop_
_struct_conn.id 
_struct_conn.conn_type_id 
_struct_conn.pdbx_leaving_atom_flag 
_struct_conn.pdbx_PDB_id 
_struct_conn.ptnr1_label_asym_id 
_struct_conn.ptnr1_label_comp_id 
_struct_conn.ptnr1_label_seq_id 
_struct_conn.ptnr1_label_atom_id 
_struct_conn.pdbx_ptnr1_label_alt_id 
_struct_conn.pdbx_ptnr1_PDB_ins_code 
_struct_conn.pdbx_ptnr1_standard_comp_id 
_struct_conn.ptnr1_symmetry 
_struct_conn.ptnr2_label_asym_id 
_struct_conn.ptnr2_label_comp_id 
_struct_conn.ptnr2_label_seq_id 
_struct_conn.ptnr2_label_atom_id 
_struct_conn.pdbx_ptnr2_label_alt_id 
_struct_conn.pdbx_ptnr2_PDB_ins_code 
_struct_conn.ptnr1_auth_asym_id 
_struct_conn.ptnr1_auth_comp_id 
_struct_conn.ptnr1_auth_seq_id 
_struct_conn.ptnr2_auth_asym_id 
_struct_conn.ptnr2_auth_comp_id 
_struct_conn.ptnr2_auth_seq_id 
_struct_conn.ptnr2_symmetry 
_struct_conn.pdbx_ptnr3_label_atom_id 
_struct_conn.pdbx_ptnr3_label_seq_id 
_struct_conn.pdbx_ptnr3_label_comp_id 
_struct_conn.pdbx_ptnr3_label_asym_id 
_struct_conn.pdbx_ptnr3_label_alt_id 
_struct_conn.pdbx_ptnr3_PDB_ins_code 
_struct_conn.details 
_struct_conn.pdbx_dist_value 
_struct_conn.pdbx_value_order 
_struct_conn.pdbx_role 
hydrog1  hydrog ? ? A DC 1  N3 ? ? ? 1_555 B DG 10 N1 ? ? A DC 1  B DG 20 1_555 ? ? ? ? ? ? WATSON-CRICK ? ? ? 
hydrog2  hydrog ? ? A DC 1  N4 ? ? ? 1_555 B DG 10 O6 ? ? A DC 1  B DG 20 1_555 ? ? ? ? ? ? WATSON-CRICK ? ? ? 
hydrog3  hydrog ? ? A DC 1  O2 ? ? ? 1_555 B DG 10 N2 ? ? A DC 1  B DG 20 1_555 ? ? ? ? ? ? WATSON-CRICK ? ? ? 
hydrog4  hydrog ? ? A DC 2  N3 ? ? ? 1_555 B DG 9  N1 ? ? A DC 2  B DG 19 1_555 ? ? ? ? ? ? WATSON-CRICK ? ? ? 
hydrog5  hydrog ? ? A DC 2  N4 ? ? ? 1_555 B DG 9  O6 ? ? A DC 2  B DG 19 1_555 ? ? ? ? ? ? WATSON-CRICK ? ? ? 
hydrog6  hydrog ? ? A DC 2  O2 ? ? ? 1_555 B DG 9  N2 ? ? A DC 2  B DG 19 1_555 ? ? ? ? ? ? WATSON-CRICK ? ? ? 
hydrog7  hydrog ? ? A DG 3  N1 ? ? ? 1_555 B DC 8  N3 ? ? A DG 3  B DC 18 1_555 ? ? ? ? ? ? WATSON-CRICK ? ? ? 
hydrog8  hydrog ? ? A DG 3  N2 ? ? ? 1_555 B DC 8  O2 ? ? A DG 3  B DC 18 1_555 ? ? ? ? ? ? WATSON-CRICK ? ? ? 
hydrog9  hydrog ? ? A DG 3  O6 ? ? ? 1_555 B DC 8  N4 ? ? A DG 3  B DC 18 1_555 ? ? ? ? ? ? WATSON-CRICK ? ? ? 
hydrog10 hydrog ? ? A DG 4  N1 ? ? ? 1_555 B DC 7  N3 ? ? A DG 4  B DC 17 1_555 ? ? ? ? ? ? WATSON-CRICK ? ? ? 
hydrog11 hydrog ? ? A DG 4  N2 ? ? ? 1_555 B DC 7  O2 ? ? A DG 4  B DC 17 1_555 ? ? ? ? ? ? WATSON-CRICK ? ? ? 
hydrog12 hydrog ? ? A DG 4  O6 ? ? ? 1_555 B DC 7  N4 ? ? A DG 4  B DC 17 1_555 ? ? ? ? ? ? WATSON-CRICK ? ? ? 
hydrog13 hydrog ? ? A C  5  N3 ? ? ? 1_555 B G  6  N1 ? ? A C  5  B G  16 1_555 ? ? ? ? ? ? WATSON-CRICK ? ? ? 
hydrog14 hydrog ? ? A C  5  N4 ? ? ? 1_555 B G  6  O6 ? ? A C  5  B G  16 1_555 ? ? ? ? ? ? WATSON-CRICK ? ? ? 
hydrog15 hydrog ? ? A C  5  O2 ? ? ? 1_555 B G  6  N2 ? ? A C  5  B G  16 1_555 ? ? ? ? ? ? WATSON-CRICK ? ? ? 
hydrog16 hydrog ? ? A G  6  N1 ? ? ? 1_555 B C  5  N3 ? ? A G  6  B C  15 1_555 ? ? ? ? ? ? WATSON-CRICK ? ? ? 
hydrog17 hydrog ? ? A G  6  N2 ? ? ? 1_555 B C  5  O2 ? ? A G  6  B C  15 1_555 ? ? ? ? ? ? WATSON-CRICK ? ? ? 
hydrog18 hydrog ? ? A G  6  O6 ? ? ? 1_555 B C  5  N4 ? ? A G  6  B C  15 1_555 ? ? ? ? ? ? WATSON-CRICK ? ? ? 
hydrog19 hydrog ? ? A DC 7  N3 ? ? ? 1_555 B DG 4  N1 ? ? A DC 7  B DG 14 1_555 ? ? ? ? ? ? WATSON-CRICK ? ? ? 
hydrog20 hydrog ? ? A DC 7  N4 ? ? ? 1_555 B DG 4  O6 ? ? A DC 7  B DG 14 1_555 ? ? ? ? ? ? WATSON-CRICK ? ? ? 
hydrog21 hydrog ? ? A DC 7  O2 ? ? ? 1_555 B DG 4  N2 ? ? A DC 7  B DG 14 1_555 ? ? ? ? ? ? WATSON-CRICK ? ? ? 
hydrog22 hydrog ? ? A DC 8  N3 ? ? ? 1_555 B DG 3  N1 ? ? A DC 8  B DG 13 1_555 ? ? ? ? ? ? WATSON-CRICK ? ? ? 
hydrog23 hydrog ? ? A DC 8  N4 ? ? ? 1_555 B DG 3  O6 ? ? A DC 8  B DG 13 1_555 ? ? ? ? ? ? WATSON-CRICK ? ? ? 
hydrog24 hydrog ? ? A DC 8  O2 ? ? ? 1_555 B DG 3  N2 ? ? A DC 8  B DG 13 1_555 ? ? ? ? ? ? WATSON-CRICK ? ? ? 
hydrog25 hydrog ? ? A DG 9  N1 ? ? ? 1_555 B DC 2  N3 ? ? A DG 9  B DC 12 1_555 ? ? ? ? ? ? WATSON-CRICK ? ? ? 
hydrog26 hydrog ? ? A DG 9  N2 ? ? ? 1_555 B DC 2  O2 ? ? A DG 9  B DC 12 1_555 ? ? ? ? ? ? WATSON-CRICK ? ? ? 
hydrog27 hydrog ? ? A DG 9  O6 ? ? ? 1_555 B DC 2  N4 ? ? A DG 9  B DC 12 1_555 ? ? ? ? ? ? WATSON-CRICK ? ? ? 
hydrog28 hydrog ? ? A DG 10 N1 ? ? ? 1_555 B DC 1  N3 ? ? A DG 10 B DC 11 1_555 ? ? ? ? ? ? WATSON-CRICK ? ? ? 
hydrog29 hydrog ? ? A DG 10 N2 ? ? ? 1_555 B DC 1  O2 ? ? A DG 10 B DC 11 1_555 ? ? ? ? ? ? WATSON-CRICK ? ? ? 
hydrog30 hydrog ? ? A DG 10 O6 ? ? ? 1_555 B DC 1  N4 ? ? A DG 10 B DC 11 1_555 ? ? ? ? ? ? WATSON-CRICK ? ? ? 
# 
_struct_conn_type.id          hydrog 
_struct_conn_type.criteria    ? 
_struct_conn_type.reference   ? 
# 
loop_
_pdbx_validate_rmsd_angle.id 
_pdbx_validate_rmsd_angle.PDB_model_num 
_pdbx_validate_rmsd_angle.auth_atom_id_1 
_pdbx_validate_rmsd_angle.auth_asym_id_1 
_pdbx_validate_rmsd_angle.auth_comp_id_1 
_pdbx_validate_rmsd_angle.auth_seq_id_1 
_pdbx_validate_rmsd_angle.PDB_ins_code_1 
_pdbx_validate_rmsd_angle.label_alt_id_1 
_pdbx_validate_rmsd_angle.auth_atom_id_2 
_pdbx_validate_rmsd_angle.auth_asym_id_2 
_pdbx_validate_rmsd_angle.auth_comp_id_2 
_pdbx_validate_rmsd_angle.auth_seq_id_2 
_pdbx_validate_rmsd_angle.PDB_ins_code_2 
_pdbx_validate_rmsd_angle.label_alt_id_2 
_pdbx_validate_rmsd_angle.auth_atom_id_3 
_pdbx_validate_rmsd_angle.auth_asym_id_3 
_pdbx_validate_rmsd_angle.auth_comp_id_3 
_pdbx_validate_rmsd_angle.auth_seq_id_3 
_pdbx_validate_rmsd_angle.PDB_ins_code_3 
_pdbx_validate_rmsd_angle.label_alt_id_3 
_pdbx_validate_rmsd_angle.angle_value 
_pdbx_validate_rmsd_angle.angle_target_value 
_pdbx_validate_rmsd_angle.angle_deviation 
_pdbx_validate_rmsd_angle.angle_standard_deviation 
_pdbx_validate_rmsd_angle.linker_flag 
1  1 "C4'" A DC 1  ? ? "C3'" A DC 1  ? ? "C2'" A DC 1  ? ? 97.97  102.20 -4.23  0.70 N 
2  1 "O4'" A DC 1  ? ? "C1'" A DC 1  ? ? N1    A DC 1  ? ? 112.95 108.30 4.65   0.30 N 
3  1 N1    A DC 1  ? ? C2    A DC 1  ? ? O2    A DC 1  ? ? 122.59 118.90 3.69   0.60 N 
4  1 "O4'" A DC 2  ? ? "C1'" A DC 2  ? ? N1    A DC 2  ? ? 111.96 108.30 3.66   0.30 N 
5  1 "C4'" A DG 3  ? ? "C3'" A DG 3  ? ? "C2'" A DG 3  ? ? 97.80  102.20 -4.40  0.70 N 
6  1 "O4'" A DG 4  ? ? "C1'" A DG 4  ? ? N9    A DG 4  ? ? 111.52 108.30 3.22   0.30 N 
7  1 "O3'" A DG 4  ? ? P     A C  5  ? ? OP2   A C  5  ? ? 122.04 110.50 11.54  1.10 Y 
8  1 "O4'" A C  5  ? ? "C1'" A C  5  ? ? N1    A C  5  ? ? 114.47 108.50 5.97   0.70 N 
9  1 "O3'" A C  5  ? ? P     A G  6  ? ? OP2   A G  6  ? ? 124.53 110.50 14.03  1.10 Y 
10 1 "O4'" A G  6  ? ? "C1'" A G  6  ? ? N9    A G  6  ? ? 113.53 108.50 5.03   0.70 N 
11 1 C2    A G  6  ? ? N3    A G  6  ? ? C4    A G  6  ? ? 115.40 111.90 3.50   0.50 N 
12 1 "O3'" A G  6  ? ? P     A DC 7  ? ? OP2   A DC 7  ? ? 122.03 110.50 11.53  1.10 Y 
13 1 "O3'" A G  6  ? ? P     A DC 7  ? ? OP1   A DC 7  ? ? 87.75  105.20 -17.45 2.20 Y 
14 1 "O4'" A DC 7  ? ? "C1'" A DC 7  ? ? N1    A DC 7  ? ? 112.41 108.30 4.11   0.30 N 
15 1 N1    A DC 7  ? ? C2    A DC 7  ? ? O2    A DC 7  ? ? 124.45 118.90 5.55   0.60 N 
16 1 "C4'" A DC 8  ? ? "C3'" A DC 8  ? ? "C2'" A DC 8  ? ? 96.25  102.20 -5.95  0.70 N 
17 1 "O4'" A DC 8  ? ? "C1'" A DC 8  ? ? N1    A DC 8  ? ? 111.45 108.30 3.15   0.30 N 
18 1 "C4'" A DG 9  ? ? "C3'" A DG 9  ? ? "C2'" A DG 9  ? ? 96.69  102.20 -5.51  0.70 N 
19 1 "O4'" A DG 9  ? ? "C1'" A DG 9  ? ? N9    A DG 9  ? ? 111.49 108.30 3.19   0.30 N 
20 1 "O3'" A DG 9  ? ? P     A DG 10 ? ? OP2   A DG 10 ? ? 124.50 110.50 14.00  1.10 Y 
21 1 "O4'" A DG 10 ? ? "C1'" A DG 10 ? ? N9    A DG 10 ? ? 112.15 108.30 3.85   0.30 N 
22 1 "O4'" B DC 11 ? ? "C1'" B DC 11 ? ? N1    B DC 11 ? ? 111.67 108.30 3.37   0.30 N 
23 1 N1    B DC 11 ? ? C2    B DC 11 ? ? O2    B DC 11 ? ? 123.41 118.90 4.51   0.60 N 
24 1 "O3'" B DC 11 ? ? P     B DC 12 ? ? OP2   B DC 12 ? ? 88.80  105.20 -16.40 2.20 Y 
25 1 "O3'" B DC 11 ? ? P     B DC 12 ? ? OP1   B DC 12 ? ? 123.29 110.50 12.79  1.10 Y 
26 1 "C4'" B DC 12 ? ? "C3'" B DC 12 ? ? "C2'" B DC 12 ? ? 97.25  102.20 -4.95  0.70 N 
27 1 "O4'" B DC 12 ? ? "C1'" B DC 12 ? ? N1    B DC 12 ? ? 112.56 108.30 4.26   0.30 N 
28 1 "C4'" B DG 13 ? ? "C3'" B DG 13 ? ? "C2'" B DG 13 ? ? 96.60  102.20 -5.60  0.70 N 
29 1 "O4'" B DG 13 ? ? "C1'" B DG 13 ? ? N9    B DG 13 ? ? 113.68 108.30 5.38   0.30 N 
30 1 "C4'" B DG 14 ? ? "C3'" B DG 14 ? ? "C2'" B DG 14 ? ? 96.85  102.20 -5.35  0.70 N 
31 1 "O4'" B DC 17 ? ? "C1'" B DC 17 ? ? N1    B DC 17 ? ? 112.21 108.30 3.91   0.30 N 
32 1 "O3'" B DC 17 ? ? P     B DC 18 ? ? "O5'" B DC 18 ? ? 115.63 104.00 11.63  1.90 Y 
33 1 "O3'" B DC 17 ? ? P     B DC 18 ? ? OP2   B DC 18 ? ? 117.34 110.50 6.84   1.10 Y 
34 1 "O3'" B DC 17 ? ? P     B DC 18 ? ? OP1   B DC 18 ? ? 89.89  105.20 -15.31 2.20 Y 
35 1 "O4'" B DC 18 ? ? "C1'" B DC 18 ? ? N1    B DC 18 ? ? 112.95 108.30 4.65   0.30 N 
36 1 N1    B DC 18 ? ? C2    B DC 18 ? ? O2    B DC 18 ? ? 122.52 118.90 3.62   0.60 N 
37 1 "C4'" B DG 19 ? ? "C3'" B DG 19 ? ? "C2'" B DG 19 ? ? 96.39  102.20 -5.81  0.70 N 
# 
loop_
_pdbx_validate_planes.id 
_pdbx_validate_planes.PDB_model_num 
_pdbx_validate_planes.auth_comp_id 
_pdbx_validate_planes.auth_asym_id 
_pdbx_validate_planes.auth_seq_id 
_pdbx_validate_planes.PDB_ins_code 
_pdbx_validate_planes.label_alt_id 
_pdbx_validate_planes.rmsd 
_pdbx_validate_planes.type 
1 1 DC A 2  ? ? 0.082 'SIDE CHAIN' 
2 1 DG A 3  ? ? 0.086 'SIDE CHAIN' 
3 1 DG A 9  ? ? 0.069 'SIDE CHAIN' 
4 1 DG A 10 ? ? 0.051 'SIDE CHAIN' 
5 1 DC B 11 ? ? 0.066 'SIDE CHAIN' 
6 1 DC B 12 ? ? 0.075 'SIDE CHAIN' 
7 1 DG B 14 ? ? 0.076 'SIDE CHAIN' 
8 1 DG B 19 ? ? 0.083 'SIDE CHAIN' 
# 
loop_
_chem_comp_atom.comp_id 
_chem_comp_atom.atom_id 
_chem_comp_atom.type_symbol 
_chem_comp_atom.pdbx_aromatic_flag 
_chem_comp_atom.pdbx_stereo_config 
_chem_comp_atom.pdbx_ordinal 
C   OP3    O N N 1   
C   P      P N N 2   
C   OP1    O N N 3   
C   OP2    O N N 4   
C   "O5'"  O N N 5   
C   "C5'"  C N N 6   
C   "C4'"  C N R 7   
C   "O4'"  O N N 8   
C   "C3'"  C N S 9   
C   "O3'"  O N N 10  
C   "C2'"  C N R 11  
C   "O2'"  O N N 12  
C   "C1'"  C N R 13  
C   N1     N N N 14  
C   C2     C N N 15  
C   O2     O N N 16  
C   N3     N N N 17  
C   C4     C N N 18  
C   N4     N N N 19  
C   C5     C N N 20  
C   C6     C N N 21  
C   HOP3   H N N 22  
C   HOP2   H N N 23  
C   "H5'"  H N N 24  
C   "H5''" H N N 25  
C   "H4'"  H N N 26  
C   "H3'"  H N N 27  
C   "HO3'" H N N 28  
C   "H2'"  H N N 29  
C   "HO2'" H N N 30  
C   "H1'"  H N N 31  
C   H41    H N N 32  
C   H42    H N N 33  
C   H5     H N N 34  
C   H6     H N N 35  
DC  OP3    O N N 36  
DC  P      P N N 37  
DC  OP1    O N N 38  
DC  OP2    O N N 39  
DC  "O5'"  O N N 40  
DC  "C5'"  C N N 41  
DC  "C4'"  C N R 42  
DC  "O4'"  O N N 43  
DC  "C3'"  C N S 44  
DC  "O3'"  O N N 45  
DC  "C2'"  C N N 46  
DC  "C1'"  C N R 47  
DC  N1     N N N 48  
DC  C2     C N N 49  
DC  O2     O N N 50  
DC  N3     N N N 51  
DC  C4     C N N 52  
DC  N4     N N N 53  
DC  C5     C N N 54  
DC  C6     C N N 55  
DC  HOP3   H N N 56  
DC  HOP2   H N N 57  
DC  "H5'"  H N N 58  
DC  "H5''" H N N 59  
DC  "H4'"  H N N 60  
DC  "H3'"  H N N 61  
DC  "HO3'" H N N 62  
DC  "H2'"  H N N 63  
DC  "H2''" H N N 64  
DC  "H1'"  H N N 65  
DC  H41    H N N 66  
DC  H42    H N N 67  
DC  H5     H N N 68  
DC  H6     H N N 69  
DG  OP3    O N N 70  
DG  P      P N N 71  
DG  OP1    O N N 72  
DG  OP2    O N N 73  
DG  "O5'"  O N N 74  
DG  "C5'"  C N N 75  
DG  "C4'"  C N R 76  
DG  "O4'"  O N N 77  
DG  "C3'"  C N S 78  
DG  "O3'"  O N N 79  
DG  "C2'"  C N N 80  
DG  "C1'"  C N R 81  
DG  N9     N Y N 82  
DG  C8     C Y N 83  
DG  N7     N Y N 84  
DG  C5     C Y N 85  
DG  C6     C N N 86  
DG  O6     O N N 87  
DG  N1     N N N 88  
DG  C2     C N N 89  
DG  N2     N N N 90  
DG  N3     N N N 91  
DG  C4     C Y N 92  
DG  HOP3   H N N 93  
DG  HOP2   H N N 94  
DG  "H5'"  H N N 95  
DG  "H5''" H N N 96  
DG  "H4'"  H N N 97  
DG  "H3'"  H N N 98  
DG  "HO3'" H N N 99  
DG  "H2'"  H N N 100 
DG  "H2''" H N N 101 
DG  "H1'"  H N N 102 
DG  H8     H N N 103 
DG  H1     H N N 104 
DG  H21    H N N 105 
DG  H22    H N N 106 
G   OP3    O N N 107 
G   P      P N N 108 
G   OP1    O N N 109 
G   OP2    O N N 110 
G   "O5'"  O N N 111 
G   "C5'"  C N N 112 
G   "C4'"  C N R 113 
G   "O4'"  O N N 114 
G   "C3'"  C N S 115 
G   "O3'"  O N N 116 
G   "C2'"  C N R 117 
G   "O2'"  O N N 118 
G   "C1'"  C N R 119 
G   N9     N Y N 120 
G   C8     C Y N 121 
G   N7     N Y N 122 
G   C5     C Y N 123 
G   C6     C N N 124 
G   O6     O N N 125 
G   N1     N N N 126 
G   C2     C N N 127 
G   N2     N N N 128 
G   N3     N N N 129 
G   C4     C Y N 130 
G   HOP3   H N N 131 
G   HOP2   H N N 132 
G   "H5'"  H N N 133 
G   "H5''" H N N 134 
G   "H4'"  H N N 135 
G   "H3'"  H N N 136 
G   "HO3'" H N N 137 
G   "H2'"  H N N 138 
G   "HO2'" H N N 139 
G   "H1'"  H N N 140 
G   H8     H N N 141 
G   H1     H N N 142 
G   H21    H N N 143 
G   H22    H N N 144 
HOH O      O N N 145 
HOH H1     H N N 146 
HOH H2     H N N 147 
# 
loop_
_chem_comp_bond.comp_id 
_chem_comp_bond.atom_id_1 
_chem_comp_bond.atom_id_2 
_chem_comp_bond.value_order 
_chem_comp_bond.pdbx_aromatic_flag 
_chem_comp_bond.pdbx_stereo_config 
_chem_comp_bond.pdbx_ordinal 
C   OP3   P      sing N N 1   
C   OP3   HOP3   sing N N 2   
C   P     OP1    doub N N 3   
C   P     OP2    sing N N 4   
C   P     "O5'"  sing N N 5   
C   OP2   HOP2   sing N N 6   
C   "O5'" "C5'"  sing N N 7   
C   "C5'" "C4'"  sing N N 8   
C   "C5'" "H5'"  sing N N 9   
C   "C5'" "H5''" sing N N 10  
C   "C4'" "O4'"  sing N N 11  
C   "C4'" "C3'"  sing N N 12  
C   "C4'" "H4'"  sing N N 13  
C   "O4'" "C1'"  sing N N 14  
C   "C3'" "O3'"  sing N N 15  
C   "C3'" "C2'"  sing N N 16  
C   "C3'" "H3'"  sing N N 17  
C   "O3'" "HO3'" sing N N 18  
C   "C2'" "O2'"  sing N N 19  
C   "C2'" "C1'"  sing N N 20  
C   "C2'" "H2'"  sing N N 21  
C   "O2'" "HO2'" sing N N 22  
C   "C1'" N1     sing N N 23  
C   "C1'" "H1'"  sing N N 24  
C   N1    C2     sing N N 25  
C   N1    C6     sing N N 26  
C   C2    O2     doub N N 27  
C   C2    N3     sing N N 28  
C   N3    C4     doub N N 29  
C   C4    N4     sing N N 30  
C   C4    C5     sing N N 31  
C   N4    H41    sing N N 32  
C   N4    H42    sing N N 33  
C   C5    C6     doub N N 34  
C   C5    H5     sing N N 35  
C   C6    H6     sing N N 36  
DC  OP3   P      sing N N 37  
DC  OP3   HOP3   sing N N 38  
DC  P     OP1    doub N N 39  
DC  P     OP2    sing N N 40  
DC  P     "O5'"  sing N N 41  
DC  OP2   HOP2   sing N N 42  
DC  "O5'" "C5'"  sing N N 43  
DC  "C5'" "C4'"  sing N N 44  
DC  "C5'" "H5'"  sing N N 45  
DC  "C5'" "H5''" sing N N 46  
DC  "C4'" "O4'"  sing N N 47  
DC  "C4'" "C3'"  sing N N 48  
DC  "C4'" "H4'"  sing N N 49  
DC  "O4'" "C1'"  sing N N 50  
DC  "C3'" "O3'"  sing N N 51  
DC  "C3'" "C2'"  sing N N 52  
DC  "C3'" "H3'"  sing N N 53  
DC  "O3'" "HO3'" sing N N 54  
DC  "C2'" "C1'"  sing N N 55  
DC  "C2'" "H2'"  sing N N 56  
DC  "C2'" "H2''" sing N N 57  
DC  "C1'" N1     sing N N 58  
DC  "C1'" "H1'"  sing N N 59  
DC  N1    C2     sing N N 60  
DC  N1    C6     sing N N 61  
DC  C2    O2     doub N N 62  
DC  C2    N3     sing N N 63  
DC  N3    C4     doub N N 64  
DC  C4    N4     sing N N 65  
DC  C4    C5     sing N N 66  
DC  N4    H41    sing N N 67  
DC  N4    H42    sing N N 68  
DC  C5    C6     doub N N 69  
DC  C5    H5     sing N N 70  
DC  C6    H6     sing N N 71  
DG  OP3   P      sing N N 72  
DG  OP3   HOP3   sing N N 73  
DG  P     OP1    doub N N 74  
DG  P     OP2    sing N N 75  
DG  P     "O5'"  sing N N 76  
DG  OP2   HOP2   sing N N 77  
DG  "O5'" "C5'"  sing N N 78  
DG  "C5'" "C4'"  sing N N 79  
DG  "C5'" "H5'"  sing N N 80  
DG  "C5'" "H5''" sing N N 81  
DG  "C4'" "O4'"  sing N N 82  
DG  "C4'" "C3'"  sing N N 83  
DG  "C4'" "H4'"  sing N N 84  
DG  "O4'" "C1'"  sing N N 85  
DG  "C3'" "O3'"  sing N N 86  
DG  "C3'" "C2'"  sing N N 87  
DG  "C3'" "H3'"  sing N N 88  
DG  "O3'" "HO3'" sing N N 89  
DG  "C2'" "C1'"  sing N N 90  
DG  "C2'" "H2'"  sing N N 91  
DG  "C2'" "H2''" sing N N 92  
DG  "C1'" N9     sing N N 93  
DG  "C1'" "H1'"  sing N N 94  
DG  N9    C8     sing Y N 95  
DG  N9    C4     sing Y N 96  
DG  C8    N7     doub Y N 97  
DG  C8    H8     sing N N 98  
DG  N7    C5     sing Y N 99  
DG  C5    C6     sing N N 100 
DG  C5    C4     doub Y N 101 
DG  C6    O6     doub N N 102 
DG  C6    N1     sing N N 103 
DG  N1    C2     sing N N 104 
DG  N1    H1     sing N N 105 
DG  C2    N2     sing N N 106 
DG  C2    N3     doub N N 107 
DG  N2    H21    sing N N 108 
DG  N2    H22    sing N N 109 
DG  N3    C4     sing N N 110 
G   OP3   P      sing N N 111 
G   OP3   HOP3   sing N N 112 
G   P     OP1    doub N N 113 
G   P     OP2    sing N N 114 
G   P     "O5'"  sing N N 115 
G   OP2   HOP2   sing N N 116 
G   "O5'" "C5'"  sing N N 117 
G   "C5'" "C4'"  sing N N 118 
G   "C5'" "H5'"  sing N N 119 
G   "C5'" "H5''" sing N N 120 
G   "C4'" "O4'"  sing N N 121 
G   "C4'" "C3'"  sing N N 122 
G   "C4'" "H4'"  sing N N 123 
G   "O4'" "C1'"  sing N N 124 
G   "C3'" "O3'"  sing N N 125 
G   "C3'" "C2'"  sing N N 126 
G   "C3'" "H3'"  sing N N 127 
G   "O3'" "HO3'" sing N N 128 
G   "C2'" "O2'"  sing N N 129 
G   "C2'" "C1'"  sing N N 130 
G   "C2'" "H2'"  sing N N 131 
G   "O2'" "HO2'" sing N N 132 
G   "C1'" N9     sing N N 133 
G   "C1'" "H1'"  sing N N 134 
G   N9    C8     sing Y N 135 
G   N9    C4     sing Y N 136 
G   C8    N7     doub Y N 137 
G   C8    H8     sing N N 138 
G   N7    C5     sing Y N 139 
G   C5    C6     sing N N 140 
G   C5    C4     doub Y N 141 
G   C6    O6     doub N N 142 
G   C6    N1     sing N N 143 
G   N1    C2     sing N N 144 
G   N1    H1     sing N N 145 
G   C2    N2     sing N N 146 
G   C2    N3     doub N N 147 
G   N2    H21    sing N N 148 
G   N2    H22    sing N N 149 
G   N3    C4     sing N N 150 
HOH O     H1     sing N N 151 
HOH O     H2     sing N N 152 
# 
_ndb_struct_conf_na.entry_id   394D 
_ndb_struct_conf_na.feature    'a-form double helix' 
# 
loop_
_ndb_struct_na_base_pair.model_number 
_ndb_struct_na_base_pair.i_label_asym_id 
_ndb_struct_na_base_pair.i_label_comp_id 
_ndb_struct_na_base_pair.i_label_seq_id 
_ndb_struct_na_base_pair.i_symmetry 
_ndb_struct_na_base_pair.j_label_asym_id 
_ndb_struct_na_base_pair.j_label_comp_id 
_ndb_struct_na_base_pair.j_label_seq_id 
_ndb_struct_na_base_pair.j_symmetry 
_ndb_struct_na_base_pair.shear 
_ndb_struct_na_base_pair.stretch 
_ndb_struct_na_base_pair.stagger 
_ndb_struct_na_base_pair.buckle 
_ndb_struct_na_base_pair.propeller 
_ndb_struct_na_base_pair.opening 
_ndb_struct_na_base_pair.pair_number 
_ndb_struct_na_base_pair.pair_name 
_ndb_struct_na_base_pair.i_auth_asym_id 
_ndb_struct_na_base_pair.i_auth_seq_id 
_ndb_struct_na_base_pair.i_PDB_ins_code 
_ndb_struct_na_base_pair.j_auth_asym_id 
_ndb_struct_na_base_pair.j_auth_seq_id 
_ndb_struct_na_base_pair.j_PDB_ins_code 
_ndb_struct_na_base_pair.hbond_type_28 
_ndb_struct_na_base_pair.hbond_type_12 
1 A DC 1  1_555 B DG 10 1_555 0.243  -0.077 0.144  -2.681 -3.715  -1.498 1  A_DC1:DG20_B  A 1  ? B 20 ? 19 1 
1 A DC 2  1_555 B DG 9  1_555 -0.113 -0.098 -0.435 11.923 -9.778  3.610  2  A_DC2:DG19_B  A 2  ? B 19 ? 19 1 
1 A DG 3  1_555 B DC 8  1_555 -0.109 -0.266 0.050  -3.092 -13.342 -0.720 3  A_DG3:DC18_B  A 3  ? B 18 ? 19 1 
1 A DG 4  1_555 B DC 7  1_555 -0.298 -0.232 -0.296 -7.743 -12.628 -2.712 4  A_DG4:DC17_B  A 4  ? B 17 ? 19 1 
1 A C  5  1_555 B G  6  1_555 0.131  -0.151 -0.123 -0.892 -9.045  1.024  5  A_C5:G16_B    A 5  ? B 16 ? 19 1 
1 A G  6  1_555 B C  5  1_555 0.157  -0.224 -0.445 -7.731 -14.428 -3.174 6  A_G6:C15_B    A 6  ? B 15 ? 19 1 
1 A DC 7  1_555 B DG 4  1_555 0.267  0.057  -0.006 4.391  -7.319  1.372  7  A_DC7:DG14_B  A 7  ? B 14 ? 19 1 
1 A DC 8  1_555 B DG 3  1_555 0.365  -0.092 -0.262 3.951  -3.062  1.291  8  A_DC8:DG13_B  A 8  ? B 13 ? 19 1 
1 A DG 9  1_555 B DC 2  1_555 -0.501 -0.080 -0.477 -9.620 -5.009  2.004  9  A_DG9:DC12_B  A 9  ? B 12 ? 19 1 
1 A DG 10 1_555 B DC 1  1_555 0.175  -0.026 -0.117 2.278  5.892   -3.216 10 A_DG10:DC11_B A 10 ? B 11 ? 19 1 
# 
loop_
_ndb_struct_na_base_pair_step.model_number 
_ndb_struct_na_base_pair_step.i_label_asym_id_1 
_ndb_struct_na_base_pair_step.i_label_comp_id_1 
_ndb_struct_na_base_pair_step.i_label_seq_id_1 
_ndb_struct_na_base_pair_step.i_symmetry_1 
_ndb_struct_na_base_pair_step.j_label_asym_id_1 
_ndb_struct_na_base_pair_step.j_label_comp_id_1 
_ndb_struct_na_base_pair_step.j_label_seq_id_1 
_ndb_struct_na_base_pair_step.j_symmetry_1 
_ndb_struct_na_base_pair_step.i_label_asym_id_2 
_ndb_struct_na_base_pair_step.i_label_comp_id_2 
_ndb_struct_na_base_pair_step.i_label_seq_id_2 
_ndb_struct_na_base_pair_step.i_symmetry_2 
_ndb_struct_na_base_pair_step.j_label_asym_id_2 
_ndb_struct_na_base_pair_step.j_label_comp_id_2 
_ndb_struct_na_base_pair_step.j_label_seq_id_2 
_ndb_struct_na_base_pair_step.j_symmetry_2 
_ndb_struct_na_base_pair_step.shift 
_ndb_struct_na_base_pair_step.slide 
_ndb_struct_na_base_pair_step.rise 
_ndb_struct_na_base_pair_step.tilt 
_ndb_struct_na_base_pair_step.roll 
_ndb_struct_na_base_pair_step.twist 
_ndb_struct_na_base_pair_step.x_displacement 
_ndb_struct_na_base_pair_step.y_displacement 
_ndb_struct_na_base_pair_step.helical_rise 
_ndb_struct_na_base_pair_step.inclination 
_ndb_struct_na_base_pair_step.tip 
_ndb_struct_na_base_pair_step.helical_twist 
_ndb_struct_na_base_pair_step.step_number 
_ndb_struct_na_base_pair_step.step_name 
_ndb_struct_na_base_pair_step.i_auth_asym_id_1 
_ndb_struct_na_base_pair_step.i_auth_seq_id_1 
_ndb_struct_na_base_pair_step.i_PDB_ins_code_1 
_ndb_struct_na_base_pair_step.j_auth_asym_id_1 
_ndb_struct_na_base_pair_step.j_auth_seq_id_1 
_ndb_struct_na_base_pair_step.j_PDB_ins_code_1 
_ndb_struct_na_base_pair_step.i_auth_asym_id_2 
_ndb_struct_na_base_pair_step.i_auth_seq_id_2 
_ndb_struct_na_base_pair_step.i_PDB_ins_code_2 
_ndb_struct_na_base_pair_step.j_auth_asym_id_2 
_ndb_struct_na_base_pair_step.j_auth_seq_id_2 
_ndb_struct_na_base_pair_step.j_PDB_ins_code_2 
1 A DC 1 1_555 B DG 10 1_555 A DC 2  1_555 B DG 9 1_555 0.744  -1.609 3.022 4.695  1.558  31.415 -3.203 -0.560 3.017 2.855  -8.605 
31.792 1 AA_DC1DC2:DG19DG20_BB  A 1 ? B 20 ? A 2  ? B 19 ? 
1 A DC 2 1_555 B DG 9  1_555 A DG 3  1_555 B DC 8 1_555 -0.244 -1.934 3.866 -5.887 9.250  30.602 -5.256 -0.707 3.155 16.862 10.731 
32.463 2 AA_DC2DG3:DC18DG19_BB  A 2 ? B 19 ? A 3  ? B 18 ? 
1 A DG 3 1_555 B DC 8  1_555 A DG 4  1_555 B DC 7 1_555 -1.529 -1.706 3.483 -1.868 4.560  31.429 -3.982 2.435  3.292 8.353  3.422  
31.803 3 AA_DG3DG4:DC17DC18_BB  A 3 ? B 18 ? A 4  ? B 17 ? 
1 A DG 4 1_555 B DC 7  1_555 A C  5  1_555 B G  6 1_555 1.013  -1.620 3.278 1.169  9.946  28.375 -5.016 -1.730 2.612 19.536 -2.295 
30.056 4 AA_DG4C5:G16DC17_BB    A 4 ? B 17 ? A 5  ? B 16 ? 
1 A C  5 1_555 B G  6  1_555 A G  6  1_555 B C  5 1_555 -0.623 -1.696 3.540 2.725  18.330 31.569 -5.111 1.353  2.200 30.617 -4.552 
36.486 5 AA_C5G6:C15G16_BB      A 5 ? B 16 ? A 6  ? B 15 ? 
1 A G  6 1_555 B C  5  1_555 A DC 7  1_555 B DG 4 1_555 0.872  -1.218 3.152 -2.879 6.416  29.493 -3.512 -2.199 2.736 12.382 5.557  
30.302 6 AA_G6DC7:DG14C15_BB    A 6 ? B 15 ? A 7  ? B 14 ? 
1 A DC 7 1_555 B DG 4  1_555 A DC 8  1_555 B DG 3 1_555 0.060  -2.085 3.494 1.314  2.834  28.804 -4.818 0.181  3.278 5.676  -2.633 
28.969 7 AA_DC7DC8:DG13DG14_BB  A 7 ? B 14 ? A 8  ? B 13 ? 
1 A DC 8 1_555 B DG 3  1_555 A DG 9  1_555 B DC 2 1_555 0.040  -2.076 3.852 2.502  8.392  24.948 -6.951 0.631  2.996 18.705 -5.577 
26.417 8 AA_DC8DG9:DC12DG13_BB  A 8 ? B 13 ? A 9  ? B 12 ? 
1 A DG 9 1_555 B DC 2  1_555 A DG 10 1_555 B DC 1 1_555 -0.031 -1.957 3.211 0.929  1.843  33.726 -3.655 0.198  3.101 3.173  -1.599 
33.788 9 AA_DG9DG10:DC11DC12_BB A 9 ? B 12 ? A 10 ? B 11 ? 
# 
_atom_sites.entry_id                    394D 
_atom_sites.Cartn_transform_axes        ? 
_atom_sites.fract_transf_matrix[1][1]   0.00285686 
_atom_sites.fract_transf_matrix[1][2]   -0.00791907 
_atom_sites.fract_transf_matrix[1][3]   -0.03806619 
_atom_sites.fract_transf_matrix[2][1]   -0.01809303 
_atom_sites.fract_transf_matrix[2][2]   0.01185083 
_atom_sites.fract_transf_matrix[2][3]   -0.00382326 
_atom_sites.fract_transf_matrix[3][1]   0.01172943 
_atom_sites.fract_transf_matrix[3][2]   0.01704753 
_atom_sites.fract_transf_matrix[3][3]   -0.00266618 
_atom_sites.fract_transf_vector[1]      0.120271 
_atom_sites.fract_transf_vector[2]      -0.038784 
_atom_sites.fract_transf_vector[3]      0.225274 
# 
loop_
_atom_type.symbol 
C 
N 
O 
P 
# 
loop_
_atom_site.group_PDB 
_atom_site.id 
_atom_site.type_symbol 
_atom_site.label_atom_id 
_atom_site.label_alt_id 
_atom_site.label_comp_id 
_atom_site.label_asym_id 
_atom_site.label_entity_id 
_atom_site.label_seq_id 
_atom_site.pdbx_PDB_ins_code 
_atom_site.Cartn_x 
_atom_site.Cartn_y 
_atom_site.Cartn_z 
_atom_site.occupancy 
_atom_site.B_iso_or_equiv 
_atom_site.pdbx_formal_charge 
_atom_site.auth_seq_id 
_atom_site.auth_comp_id 
_atom_site.auth_asym_id 
_atom_site.auth_atom_id 
_atom_site.pdbx_PDB_model_num 
ATOM   1   O "O5'" . DC  A 1 1  ? -11.808 2.943   6.619   1.00 30.49 ? 1  DC  A "O5'" 1 
ATOM   2   C "C5'" . DC  A 1 1  ? -13.038 2.902   5.904   1.00 28.70 ? 1  DC  A "C5'" 1 
ATOM   3   C "C4'" . DC  A 1 1  ? -13.168 4.118   4.995   1.00 28.67 ? 1  DC  A "C4'" 1 
ATOM   4   O "O4'" . DC  A 1 1  ? -13.067 5.383   5.717   1.00 30.29 ? 1  DC  A "O4'" 1 
ATOM   5   C "C3'" . DC  A 1 1  ? -12.079 4.115   3.933   1.00 27.33 ? 1  DC  A "C3'" 1 
ATOM   6   O "O3'" . DC  A 1 1  ? -12.513 3.303   2.839   1.00 26.82 ? 1  DC  A "O3'" 1 
ATOM   7   C "C2'" . DC  A 1 1  ? -12.134 5.585   3.570   1.00 27.22 ? 1  DC  A "C2'" 1 
ATOM   8   C "C1'" . DC  A 1 1  ? -12.316 6.318   4.888   1.00 27.33 ? 1  DC  A "C1'" 1 
ATOM   9   N N1    . DC  A 1 1  ? -11.000 6.696   5.483   1.00 24.93 ? 1  DC  A N1    1 
ATOM   10  C C2    . DC  A 1 1  ? -10.317 7.773   4.952   1.00 23.27 ? 1  DC  A C2    1 
ATOM   11  O O2    . DC  A 1 1  ? -10.699 8.368   3.941   1.00 22.12 ? 1  DC  A O2    1 
ATOM   12  N N3    . DC  A 1 1  ? -9.170  8.137   5.559   1.00 20.57 ? 1  DC  A N3    1 
ATOM   13  C C4    . DC  A 1 1  ? -8.611  7.394   6.530   1.00 23.78 ? 1  DC  A C4    1 
ATOM   14  N N4    . DC  A 1 1  ? -7.394  7.699   6.973   1.00 22.01 ? 1  DC  A N4    1 
ATOM   15  C C5    . DC  A 1 1  ? -9.294  6.289   7.086   1.00 22.91 ? 1  DC  A C5    1 
ATOM   16  C C6    . DC  A 1 1  ? -10.500 6.013   6.556   1.00 24.34 ? 1  DC  A C6    1 
ATOM   17  P P     . DC  A 1 2  ? -11.565 2.863   1.595   1.00 31.98 ? 2  DC  A P     1 
ATOM   18  O OP1   . DC  A 1 2  ? -12.475 2.144   0.653   1.00 29.86 ? 2  DC  A OP1   1 
ATOM   19  O OP2   . DC  A 1 2  ? -10.490 2.117   2.288   1.00 30.74 ? 2  DC  A OP2   1 
ATOM   20  O "O5'" . DC  A 1 2  ? -10.880 4.134   0.822   1.00 29.86 ? 2  DC  A "O5'" 1 
ATOM   21  C "C5'" . DC  A 1 2  ? -11.589 4.948   -0.131  1.00 28.43 ? 2  DC  A "C5'" 1 
ATOM   22  C "C4'" . DC  A 1 2  ? -10.844 6.257   -0.373  1.00 26.62 ? 2  DC  A "C4'" 1 
ATOM   23  O "O4'" . DC  A 1 2  ? -10.526 6.872   0.885   1.00 24.05 ? 2  DC  A "O4'" 1 
ATOM   24  C "C3'" . DC  A 1 2  ? -9.512  6.092   -1.084  1.00 26.09 ? 2  DC  A "C3'" 1 
ATOM   25  O "O3'" . DC  A 1 2  ? -9.720  5.959   -2.483  1.00 29.74 ? 2  DC  A "O3'" 1 
ATOM   26  C "C2'" . DC  A 1 2  ? -8.919  7.423   -0.764  1.00 22.98 ? 2  DC  A "C2'" 1 
ATOM   27  C "C1'" . DC  A 1 2  ? -9.329  7.618   0.674   1.00 22.18 ? 2  DC  A "C1'" 1 
ATOM   28  N N1    . DC  A 1 2  ? -8.259  7.208   1.590   1.00 21.80 ? 2  DC  A N1    1 
ATOM   29  C C2    . DC  A 1 2  ? -7.298  8.150   1.870   1.00 21.83 ? 2  DC  A C2    1 
ATOM   30  O O2    . DC  A 1 2  ? -7.130  9.141   1.165   1.00 22.40 ? 2  DC  A O2    1 
ATOM   31  N N3    . DC  A 1 2  ? -6.472  7.954   2.921   1.00 19.95 ? 2  DC  A N3    1 
ATOM   32  C C4    . DC  A 1 2  ? -6.470  6.787   3.566   1.00 19.19 ? 2  DC  A C4    1 
ATOM   33  N N4    . DC  A 1 2  ? -5.473  6.555   4.424   1.00 18.82 ? 2  DC  A N4    1 
ATOM   34  C C5    . DC  A 1 2  ? -7.464  5.793   3.315   1.00 17.20 ? 2  DC  A C5    1 
ATOM   35  C C6    . DC  A 1 2  ? -8.346  6.055   2.329   1.00 21.21 ? 2  DC  A C6    1 
ATOM   36  P P     . DG  A 1 3  ? -8.647  5.139   -3.327  1.00 35.78 ? 3  DG  A P     1 
ATOM   37  O OP1   . DG  A 1 3  ? -9.465  5.089   -4.566  1.00 37.70 ? 3  DG  A OP1   1 
ATOM   38  O OP2   . DG  A 1 3  ? -8.162  3.879   -2.721  1.00 38.47 ? 3  DG  A OP2   1 
ATOM   39  O "O5'" . DG  A 1 3  ? -7.326  6.113   -3.467  1.00 33.91 ? 3  DG  A "O5'" 1 
ATOM   40  C "C5'" . DG  A 1 3  ? -7.162  7.265   -4.288  1.00 28.31 ? 3  DG  A "C5'" 1 
ATOM   41  C "C4'" . DG  A 1 3  ? -5.981  8.167   -3.855  1.00 26.16 ? 3  DG  A "C4'" 1 
ATOM   42  O "O4'" . DG  A 1 3  ? -6.012  8.356   -2.441  1.00 24.63 ? 3  DG  A "O4'" 1 
ATOM   43  C "C3'" . DG  A 1 3  ? -4.563  7.699   -4.146  1.00 24.84 ? 3  DG  A "C3'" 1 
ATOM   44  O "O3'" . DG  A 1 3  ? -4.230  7.873   -5.532  1.00 26.83 ? 3  DG  A "O3'" 1 
ATOM   45  C "C2'" . DG  A 1 3  ? -3.836  8.690   -3.268  1.00 20.00 ? 3  DG  A "C2'" 1 
ATOM   46  C "C1'" . DG  A 1 3  ? -4.682  8.732   -2.025  1.00 20.42 ? 3  DG  A "C1'" 1 
ATOM   47  N N9    . DG  A 1 3  ? -4.215  7.794   -0.984  1.00 17.40 ? 3  DG  A N9    1 
ATOM   48  C C8    . DG  A 1 3  ? -4.854  6.707   -0.452  1.00 12.75 ? 3  DG  A C8    1 
ATOM   49  N N7    . DG  A 1 3  ? -4.223  6.191   0.564   1.00 16.09 ? 3  DG  A N7    1 
ATOM   50  C C5    . DG  A 1 3  ? -3.068  6.965   0.684   1.00 13.06 ? 3  DG  A C5    1 
ATOM   51  C C6    . DG  A 1 3  ? -2.032  6.928   1.655   1.00 14.64 ? 3  DG  A C6    1 
ATOM   52  O O6    . DG  A 1 3  ? -1.992  6.259   2.678   1.00 18.82 ? 3  DG  A O6    1 
ATOM   53  N N1    . DG  A 1 3  ? -1.028  7.856   1.394   1.00 10.04 ? 3  DG  A N1    1 
ATOM   54  C C2    . DG  A 1 3  ? -1.120  8.817   0.397   1.00 11.70 ? 3  DG  A C2    1 
ATOM   55  N N2    . DG  A 1 3  ? -0.117  9.652   0.217   1.00 10.15 ? 3  DG  A N2    1 
ATOM   56  N N3    . DG  A 1 3  ? -2.136  8.917   -0.442  1.00 12.59 ? 3  DG  A N3    1 
ATOM   57  C C4    . DG  A 1 3  ? -3.059  7.943   -0.261  1.00 13.81 ? 3  DG  A C4    1 
ATOM   58  P P     . DG  A 1 4  ? -2.936  7.206   -6.268  1.00 30.01 ? 4  DG  A P     1 
ATOM   59  O OP1   . DG  A 1 4  ? -3.197  7.563   -7.673  1.00 28.33 ? 4  DG  A OP1   1 
ATOM   60  O OP2   . DG  A 1 4  ? -2.764  5.771   -5.936  1.00 30.00 ? 4  DG  A OP2   1 
ATOM   61  O "O5'" . DG  A 1 4  ? -1.585  8.020   -5.781  1.00 26.64 ? 4  DG  A "O5'" 1 
ATOM   62  C "C5'" . DG  A 1 4  ? -1.228  9.318   -6.327  1.00 21.98 ? 4  DG  A "C5'" 1 
ATOM   63  C "C4'" . DG  A 1 4  ? 0.094   9.830   -5.785  1.00 20.29 ? 4  DG  A "C4'" 1 
ATOM   64  O "O4'" . DG  A 1 4  ? -0.008  9.870   -4.356  1.00 19.12 ? 4  DG  A "O4'" 1 
ATOM   65  C "C3'" . DG  A 1 4  ? 1.213   8.828   -6.022  1.00 19.78 ? 4  DG  A "C3'" 1 
ATOM   66  O "O3'" . DG  A 1 4  ? 1.756   8.862   -7.353  1.00 25.84 ? 4  DG  A "O3'" 1 
ATOM   67  C "C2'" . DG  A 1 4  ? 2.162   9.199   -4.949  1.00 18.55 ? 4  DG  A "C2'" 1 
ATOM   68  C "C1'" . DG  A 1 4  ? 1.228   9.391   -3.771  1.00 17.87 ? 4  DG  A "C1'" 1 
ATOM   69  N N9    . DG  A 1 4  ? 1.011   8.147   -2.975  1.00 16.01 ? 4  DG  A N9    1 
ATOM   70  C C8    . DG  A 1 4  ? -0.090  7.310   -2.937  1.00 14.87 ? 4  DG  A C8    1 
ATOM   71  N N7    . DG  A 1 4  ? -0.077  6.471   -1.928  1.00 14.47 ? 4  DG  A N7    1 
ATOM   72  C C5    . DG  A 1 4  ? 1.115   6.767   -1.248  1.00 16.07 ? 4  DG  A C5    1 
ATOM   73  C C6    . DG  A 1 4  ? 1.750   6.096   -0.152  1.00 17.41 ? 4  DG  A C6    1 
ATOM   74  O O6    . DG  A 1 4  ? 1.347   5.138   0.494   1.00 13.87 ? 4  DG  A O6    1 
ATOM   75  N N1    . DG  A 1 4  ? 2.994   6.631   0.153   1.00 17.47 ? 4  DG  A N1    1 
ATOM   76  C C2    . DG  A 1 4  ? 3.579   7.683   -0.531  1.00 18.97 ? 4  DG  A C2    1 
ATOM   77  N N2    . DG  A 1 4  ? 4.782   8.127   -0.138  1.00 21.37 ? 4  DG  A N2    1 
ATOM   78  N N3    . DG  A 1 4  ? 3.004   8.280   -1.575  1.00 16.86 ? 4  DG  A N3    1 
ATOM   79  C C4    . DG  A 1 4  ? 1.781   7.775   -1.883  1.00 14.92 ? 4  DG  A C4    1 
ATOM   80  P P     . C   A 1 5  ? 2.121   7.442   -8.071  1.00 28.73 ? 5  C   A P     1 
ATOM   81  O OP1   . C   A 1 5  ? 2.490   7.912   -9.436  1.00 30.62 ? 5  C   A OP1   1 
ATOM   82  O OP2   . C   A 1 5  ? 1.279   6.227   -7.892  1.00 27.48 ? 5  C   A OP2   1 
ATOM   83  O "O5'" . C   A 1 5  ? 3.468   7.251   -7.219  1.00 29.09 ? 5  C   A "O5'" 1 
ATOM   84  C "C5'" . C   A 1 5  ? 4.017   5.946   -7.075  1.00 24.84 ? 5  C   A "C5'" 1 
ATOM   85  C "C4'" . C   A 1 5  ? 5.189   5.985   -6.122  1.00 21.58 ? 5  C   A "C4'" 1 
ATOM   86  O "O4'" . C   A 1 5  ? 4.785   6.401   -4.822  1.00 19.45 ? 5  C   A "O4'" 1 
ATOM   87  C "C3'" . C   A 1 5  ? 5.714   4.577   -5.919  1.00 21.74 ? 5  C   A "C3'" 1 
ATOM   88  O "O3'" . C   A 1 5  ? 6.654   4.187   -6.948  1.00 22.24 ? 5  C   A "O3'" 1 
ATOM   89  C "C2'" . C   A 1 5  ? 6.309   4.651   -4.537  1.00 18.17 ? 5  C   A "C2'" 1 
ATOM   90  O "O2'" . C   A 1 5  ? 7.513   5.370   -4.588  1.00 18.94 ? 5  C   A "O2'" 1 
ATOM   91  C "C1'" . C   A 1 5  ? 5.274   5.488   -3.849  1.00 16.78 ? 5  C   A "C1'" 1 
ATOM   92  N N1    . C   A 1 5  ? 4.223   4.674   -3.187  1.00 17.21 ? 5  C   A N1    1 
ATOM   93  C C2    . C   A 1 5  ? 4.537   4.132   -1.971  1.00 16.60 ? 5  C   A C2    1 
ATOM   94  O O2    . C   A 1 5  ? 5.615   4.381   -1.426  1.00 17.65 ? 5  C   A O2    1 
ATOM   95  N N3    . C   A 1 5  ? 3.605   3.363   -1.338  1.00 16.54 ? 5  C   A N3    1 
ATOM   96  C C4    . C   A 1 5  ? 2.410   3.144   -1.859  1.00 14.35 ? 5  C   A C4    1 
ATOM   97  N N4    . C   A 1 5  ? 1.568   2.356   -1.183  1.00 13.89 ? 5  C   A N4    1 
ATOM   98  C C5    . C   A 1 5  ? 2.041   3.712   -3.105  1.00 12.70 ? 5  C   A C5    1 
ATOM   99  C C6    . C   A 1 5  ? 2.955   4.507   -3.706  1.00 17.51 ? 5  C   A C6    1 
ATOM   100 P P     . G   A 1 6  ? 6.599   2.644   -7.408  1.00 21.86 ? 6  G   A P     1 
ATOM   101 O OP1   . G   A 1 6  ? 7.493   2.806   -8.560  1.00 24.44 ? 6  G   A OP1   1 
ATOM   102 O OP2   . G   A 1 6  ? 5.360   1.869   -7.585  1.00 22.86 ? 6  G   A OP2   1 
ATOM   103 O "O5'" . G   A 1 6  ? 7.410   2.008   -6.195  1.00 21.69 ? 6  G   A "O5'" 1 
ATOM   104 C "C5'" . G   A 1 6  ? 8.805   2.240   -6.036  1.00 20.97 ? 6  G   A "C5'" 1 
ATOM   105 C "C4'" . G   A 1 6  ? 9.391   1.536   -4.800  1.00 18.28 ? 6  G   A "C4'" 1 
ATOM   106 O "O4'" . G   A 1 6  ? 8.801   1.969   -3.567  1.00 19.62 ? 6  G   A "O4'" 1 
ATOM   107 C "C3'" . G   A 1 6  ? 9.191   0.049   -4.852  1.00 18.97 ? 6  G   A "C3'" 1 
ATOM   108 O "O3'" . G   A 1 6  ? 10.179  -0.595  -5.667  1.00 20.32 ? 6  G   A "O3'" 1 
ATOM   109 C "C2'" . G   A 1 6  ? 9.380   -0.279  -3.399  1.00 17.27 ? 6  G   A "C2'" 1 
ATOM   110 O "O2'" . G   A 1 6  ? 10.734  -0.156  -3.032  1.00 21.74 ? 6  G   A "O2'" 1 
ATOM   111 C "C1'" . G   A 1 6  ? 8.616   0.820   -2.712  1.00 17.17 ? 6  G   A "C1'" 1 
ATOM   112 N N9    . G   A 1 6  ? 7.192   0.440   -2.529  1.00 13.97 ? 6  G   A N9    1 
ATOM   113 C C8    . G   A 1 6  ? 6.130   0.820   -3.305  1.00 13.14 ? 6  G   A C8    1 
ATOM   114 N N7    . G   A 1 6  ? 4.980   0.453   -2.814  1.00 15.28 ? 6  G   A N7    1 
ATOM   115 C C5    . G   A 1 6  ? 5.292   -0.147  -1.589  1.00 12.93 ? 6  G   A C5    1 
ATOM   116 C C6    . G   A 1 6  ? 4.455   -0.832  -0.665  1.00 13.07 ? 6  G   A C6    1 
ATOM   117 O O6    . G   A 1 6  ? 3.236   -0.893  -0.697  1.00 17.48 ? 6  G   A O6    1 
ATOM   118 N N1    . G   A 1 6  ? 5.139   -1.467  0.374   1.00 13.77 ? 6  G   A N1    1 
ATOM   119 C C2    . G   A 1 6  ? 6.506   -1.365  0.568   1.00 14.52 ? 6  G   A C2    1 
ATOM   120 N N2    . G   A 1 6  ? 7.043   -1.971  1.645   1.00 16.10 ? 6  G   A N2    1 
ATOM   121 N N3    . G   A 1 6  ? 7.288   -0.686  -0.290  1.00 14.24 ? 6  G   A N3    1 
ATOM   122 C C4    . G   A 1 6  ? 6.640   -0.150  -1.383  1.00 15.14 ? 6  G   A C4    1 
ATOM   123 P P     . DC  A 1 7  ? 9.759   -1.828  -6.581  1.00 27.44 ? 7  DC  A P     1 
ATOM   124 O OP1   . DC  A 1 7  ? 11.113  -1.766  -7.184  1.00 27.35 ? 7  DC  A OP1   1 
ATOM   125 O OP2   . DC  A 1 7  ? 8.526   -1.810  -7.415  1.00 27.46 ? 7  DC  A OP2   1 
ATOM   126 O "O5'" . DC  A 1 7  ? 9.668   -3.087  -5.574  1.00 25.73 ? 7  DC  A "O5'" 1 
ATOM   127 C "C5'" . DC  A 1 7  ? 10.772  -3.630  -4.844  1.00 21.65 ? 7  DC  A "C5'" 1 
ATOM   128 C "C4'" . DC  A 1 7  ? 10.291  -4.482  -3.675  1.00 16.84 ? 7  DC  A "C4'" 1 
ATOM   129 O "O4'" . DC  A 1 7  ? 9.406   -3.654  -2.932  1.00 16.93 ? 7  DC  A "O4'" 1 
ATOM   130 C "C3'" . DC  A 1 7  ? 9.456   -5.675  -4.020  1.00 17.50 ? 7  DC  A "C3'" 1 
ATOM   131 O "O3'" . DC  A 1 7  ? 10.195  -6.844  -4.424  1.00 15.74 ? 7  DC  A "O3'" 1 
ATOM   132 C "C2'" . DC  A 1 7  ? 8.763   -5.870  -2.712  1.00 13.49 ? 7  DC  A "C2'" 1 
ATOM   133 C "C1'" . DC  A 1 7  ? 8.439   -4.464  -2.255  1.00 17.66 ? 7  DC  A "C1'" 1 
ATOM   134 N N1    . DC  A 1 7  ? 7.040   -4.033  -2.534  1.00 15.90 ? 7  DC  A N1    1 
ATOM   135 C C2    . DC  A 1 7  ? 6.048   -4.415  -1.636  1.00 17.08 ? 7  DC  A C2    1 
ATOM   136 O O2    . DC  A 1 7  ? 6.253   -5.043  -0.596  1.00 17.36 ? 7  DC  A O2    1 
ATOM   137 N N3    . DC  A 1 7  ? 4.767   -4.092  -1.941  1.00 19.08 ? 7  DC  A N3    1 
ATOM   138 C C4    . DC  A 1 7  ? 4.460   -3.414  -3.068  1.00 20.84 ? 7  DC  A C4    1 
ATOM   139 N N4    . DC  A 1 7  ? 3.164   -3.260  -3.344  1.00 21.32 ? 7  DC  A N4    1 
ATOM   140 C C5    . DC  A 1 7  ? 5.471   -2.930  -3.951  1.00 15.62 ? 7  DC  A C5    1 
ATOM   141 C C6    . DC  A 1 7  ? 6.741   -3.275  -3.654  1.00 16.21 ? 7  DC  A C6    1 
ATOM   142 P P     . DC  A 1 8  ? 9.354   -7.916  -5.267  1.00 22.14 ? 8  DC  A P     1 
ATOM   143 O OP1   . DC  A 1 8  ? 10.538  -8.725  -5.606  1.00 25.89 ? 8  DC  A OP1   1 
ATOM   144 O OP2   . DC  A 1 8  ? 8.485   -7.363  -6.328  1.00 22.75 ? 8  DC  A OP2   1 
ATOM   145 O "O5'" . DC  A 1 8  ? 8.395   -8.759  -4.272  1.00 19.39 ? 8  DC  A "O5'" 1 
ATOM   146 C "C5'" . DC  A 1 8  ? 8.944   -9.488  -3.181  1.00 15.50 ? 8  DC  A "C5'" 1 
ATOM   147 C "C4'" . DC  A 1 8  ? 7.877   -9.860  -2.192  1.00 14.32 ? 8  DC  A "C4'" 1 
ATOM   148 O "O4'" . DC  A 1 8  ? 7.205   -8.697  -1.653  1.00 14.58 ? 8  DC  A "O4'" 1 
ATOM   149 C "C3'" . DC  A 1 8  ? 6.809   -10.742 -2.787  1.00 13.61 ? 8  DC  A "C3'" 1 
ATOM   150 O "O3'" . DC  A 1 8  ? 7.261   -12.110 -2.979  1.00 19.40 ? 8  DC  A "O3'" 1 
ATOM   151 C "C2'" . DC  A 1 8  ? 5.832   -10.619 -1.634  1.00 16.62 ? 8  DC  A "C2'" 1 
ATOM   152 C "C1'" . DC  A 1 8  ? 5.856   -9.127  -1.307  1.00 14.56 ? 8  DC  A "C1'" 1 
ATOM   153 N N1    . DC  A 1 8  ? 4.837   -8.425  -2.123  1.00 11.49 ? 8  DC  A N1    1 
ATOM   154 C C2    . DC  A 1 8  ? 3.512   -8.432  -1.688  1.00 12.71 ? 8  DC  A C2    1 
ATOM   155 O O2    . DC  A 1 8  ? 3.195   -8.981  -0.633  1.00 13.91 ? 8  DC  A O2    1 
ATOM   156 N N3    . DC  A 1 8  ? 2.571   -7.776  -2.431  1.00 11.08 ? 8  DC  A N3    1 
ATOM   157 C C4    . DC  A 1 8  ? 2.978   -7.027  -3.478  1.00 13.51 ? 8  DC  A C4    1 
ATOM   158 N N4    . DC  A 1 8  ? 2.090   -6.318  -4.167  1.00 16.04 ? 8  DC  A N4    1 
ATOM   159 C C5    . DC  A 1 8  ? 4.335   -6.988  -3.916  1.00 11.59 ? 8  DC  A C5    1 
ATOM   160 C C6    . DC  A 1 8  ? 5.209   -7.751  -3.250  1.00 10.18 ? 8  DC  A C6    1 
ATOM   161 P P     . DG  A 1 9  ? 6.557   -13.133 -4.048  1.00 19.78 ? 9  DG  A P     1 
ATOM   162 O OP1   . DG  A 1 9  ? 7.461   -14.292 -4.013  1.00 24.38 ? 9  DG  A OP1   1 
ATOM   163 O OP2   . DG  A 1 9  ? 6.260   -12.505 -5.353  1.00 20.61 ? 9  DG  A OP2   1 
ATOM   164 O "O5'" . DG  A 1 9  ? 5.148   -13.513 -3.324  1.00 15.35 ? 9  DG  A "O5'" 1 
ATOM   165 C "C5'" . DG  A 1 9  ? 5.082   -14.363 -2.180  1.00 13.10 ? 9  DG  A "C5'" 1 
ATOM   166 C "C4'" . DG  A 1 9  ? 3.693   -14.425 -1.608  1.00 14.44 ? 9  DG  A "C4'" 1 
ATOM   167 O "O4'" . DG  A 1 9  ? 3.258   -13.082 -1.370  1.00 14.94 ? 9  DG  A "O4'" 1 
ATOM   168 C "C3'" . DG  A 1 9  ? 2.633   -15.004 -2.547  1.00 15.23 ? 9  DG  A "C3'" 1 
ATOM   169 O "O3'" . DG  A 1 9  ? 2.646   -16.437 -2.638  1.00 18.48 ? 9  DG  A "O3'" 1 
ATOM   170 C "C2'" . DG  A 1 9  ? 1.421   -14.458 -1.803  1.00 14.80 ? 9  DG  A "C2'" 1 
ATOM   171 C "C1'" . DG  A 1 9  ? 1.826   -13.014 -1.526  1.00 15.08 ? 9  DG  A "C1'" 1 
ATOM   172 N N9    . DG  A 1 9  ? 1.439   -12.106 -2.648  1.00 12.71 ? 9  DG  A N9    1 
ATOM   173 C C8    . DG  A 1 9  ? 2.235   -11.407 -3.511  1.00 11.64 ? 9  DG  A C8    1 
ATOM   174 N N7    . DG  A 1 9  ? 1.571   -10.671 -4.354  1.00 12.55 ? 9  DG  A N7    1 
ATOM   175 C C5    . DG  A 1 9  ? 0.259   -10.734 -3.922  1.00 13.54 ? 9  DG  A C5    1 
ATOM   176 C C6    . DG  A 1 9  ? -0.907  -10.102 -4.441  1.00 16.28 ? 9  DG  A C6    1 
ATOM   177 O O6    . DG  A 1 9  ? -0.980  -9.274  -5.356  1.00 14.90 ? 9  DG  A O6    1 
ATOM   178 N N1    . DG  A 1 9  ? -2.068  -10.529 -3.788  1.00 12.83 ? 9  DG  A N1    1 
ATOM   179 C C2    . DG  A 1 9  ? -2.107  -11.512 -2.837  1.00 14.31 ? 9  DG  A C2    1 
ATOM   180 N N2    . DG  A 1 9  ? -3.292  -11.951 -2.442  1.00 14.45 ? 9  DG  A N2    1 
ATOM   181 N N3    . DG  A 1 9  ? -1.017  -12.072 -2.312  1.00 13.31 ? 9  DG  A N3    1 
ATOM   182 C C4    . DG  A 1 9  ? 0.140   -11.658 -2.920  1.00 14.61 ? 9  DG  A C4    1 
ATOM   183 P P     . DG  A 1 10 ? 2.209   -17.181 -4.015  1.00 21.40 ? 10 DG  A P     1 
ATOM   184 O OP1   . DG  A 1 10 ? 2.458   -18.588 -3.646  1.00 20.52 ? 10 DG  A OP1   1 
ATOM   185 O OP2   . DG  A 1 10 ? 2.535   -16.693 -5.368  1.00 19.69 ? 10 DG  A OP2   1 
ATOM   186 O "O5'" . DG  A 1 10 ? 0.640   -16.884 -3.793  1.00 17.77 ? 10 DG  A "O5'" 1 
ATOM   187 C "C5'" . DG  A 1 10 ? -0.215  -17.577 -2.899  1.00 19.44 ? 10 DG  A "C5'" 1 
ATOM   188 C "C4'" . DG  A 1 10 ? -1.704  -17.329 -3.264  1.00 19.62 ? 10 DG  A "C4'" 1 
ATOM   189 O "O4'" . DG  A 1 10 ? -2.076  -15.931 -3.175  1.00 18.11 ? 10 DG  A "O4'" 1 
ATOM   190 C "C3'" . DG  A 1 10 ? -2.099  -17.785 -4.696  1.00 18.76 ? 10 DG  A "C3'" 1 
ATOM   191 O "O3'" . DG  A 1 10 ? -2.345  -19.214 -4.748  1.00 19.86 ? 10 DG  A "O3'" 1 
ATOM   192 C "C2'" . DG  A 1 10 ? -3.354  -16.938 -4.871  1.00 21.13 ? 10 DG  A "C2'" 1 
ATOM   193 C "C1'" . DG  A 1 10 ? -3.090  -15.610 -4.149  1.00 17.35 ? 10 DG  A "C1'" 1 
ATOM   194 N N9    . DG  A 1 10 ? -2.632  -14.569 -5.114  1.00 19.33 ? 10 DG  A N9    1 
ATOM   195 C C8    . DG  A 1 10 ? -1.360  -14.313 -5.601  1.00 15.38 ? 10 DG  A C8    1 
ATOM   196 N N7    . DG  A 1 10 ? -1.295  -13.290 -6.391  1.00 12.62 ? 10 DG  A N7    1 
ATOM   197 C C5    . DG  A 1 10 ? -2.586  -12.778 -6.402  1.00 16.30 ? 10 DG  A C5    1 
ATOM   198 C C6    . DG  A 1 10 ? -3.150  -11.787 -7.251  1.00 16.68 ? 10 DG  A C6    1 
ATOM   199 O O6    . DG  A 1 10 ? -2.585  -11.080 -8.083  1.00 16.27 ? 10 DG  A O6    1 
ATOM   200 N N1    . DG  A 1 10 ? -4.538  -11.726 -7.126  1.00 18.82 ? 10 DG  A N1    1 
ATOM   201 C C2    . DG  A 1 10 ? -5.283  -12.512 -6.292  1.00 19.66 ? 10 DG  A C2    1 
ATOM   202 N N2    . DG  A 1 10 ? -6.593  -12.238 -6.214  1.00 24.31 ? 10 DG  A N2    1 
ATOM   203 N N3    . DG  A 1 10 ? -4.769  -13.524 -5.581  1.00 17.68 ? 10 DG  A N3    1 
ATOM   204 C C4    . DG  A 1 10 ? -3.429  -13.612 -5.700  1.00 17.19 ? 10 DG  A C4    1 
ATOM   205 O "O5'" . DC  B 1 1  ? -8.716  -4.472  -9.836  1.00 41.21 ? 11 DC  B "O5'" 1 
ATOM   206 C "C5'" . DC  B 1 1  ? -10.108 -4.841  -10.009 1.00 37.31 ? 11 DC  B "C5'" 1 
ATOM   207 C "C4'" . DC  B 1 1  ? -10.561 -6.191  -9.404  1.00 30.42 ? 11 DC  B "C4'" 1 
ATOM   208 O "O4'" . DC  B 1 1  ? -10.078 -7.323  -10.124 1.00 30.48 ? 11 DC  B "O4'" 1 
ATOM   209 C "C3'" . DC  B 1 1  ? -10.069 -6.349  -7.986  1.00 29.12 ? 11 DC  B "C3'" 1 
ATOM   210 O "O3'" . DC  B 1 1  ? -10.921 -5.622  -7.119  1.00 25.77 ? 11 DC  B "O3'" 1 
ATOM   211 C "C2'" . DC  B 1 1  ? -10.155 -7.839  -7.846  1.00 28.73 ? 11 DC  B "C2'" 1 
ATOM   212 C "C1'" . DC  B 1 1  ? -9.620  -8.333  -9.181  1.00 30.48 ? 11 DC  B "C1'" 1 
ATOM   213 N N1    . DC  B 1 1  ? -8.120  -8.489  -9.217  1.00 28.33 ? 11 DC  B N1    1 
ATOM   214 C C2    . DC  B 1 1  ? -7.488  -9.500  -8.449  1.00 26.31 ? 11 DC  B C2    1 
ATOM   215 O O2    . DC  B 1 1  ? -8.083  -10.191 -7.613  1.00 23.57 ? 11 DC  B O2    1 
ATOM   216 N N3    . DC  B 1 1  ? -6.147  -9.704  -8.629  1.00 22.83 ? 11 DC  B N3    1 
ATOM   217 C C4    . DC  B 1 1  ? -5.432  -8.951  -9.472  1.00 27.11 ? 11 DC  B C4    1 
ATOM   218 N N4    . DC  B 1 1  ? -4.083  -9.003  -9.428  1.00 27.86 ? 11 DC  B N4    1 
ATOM   219 C C5    . DC  B 1 1  ? -6.083  -7.985  -10.327 1.00 28.68 ? 11 DC  B C5    1 
ATOM   220 C C6    . DC  B 1 1  ? -7.401  -7.764  -10.130 1.00 26.62 ? 11 DC  B C6    1 
ATOM   221 P P     . DC  B 1 2  ? -10.467 -5.147  -5.648  1.00 31.09 ? 12 DC  B P     1 
ATOM   222 O OP1   . DC  B 1 2  ? -11.365 -4.439  -4.712  1.00 37.50 ? 12 DC  B OP1   1 
ATOM   223 O OP2   . DC  B 1 2  ? -9.344  -4.415  -6.264  1.00 34.79 ? 12 DC  B OP2   1 
ATOM   224 O "O5'" . DC  B 1 2  ? -9.865  -6.384  -4.811  1.00 32.29 ? 12 DC  B "O5'" 1 
ATOM   225 C "C5'" . DC  B 1 2  ? -10.771 -7.277  -4.144  1.00 29.76 ? 12 DC  B "C5'" 1 
ATOM   226 C "C4'" . DC  B 1 2  ? -10.044 -8.457  -3.533  1.00 25.51 ? 12 DC  B "C4'" 1 
ATOM   227 O "O4'" . DC  B 1 2  ? -9.281  -9.200  -4.501  1.00 25.00 ? 12 DC  B "O4'" 1 
ATOM   228 C "C3'" . DC  B 1 2  ? -9.050  -7.978  -2.521  1.00 25.16 ? 12 DC  B "C3'" 1 
ATOM   229 O "O3'" . DC  B 1 2  ? -9.715  -7.563  -1.341  1.00 24.61 ? 12 DC  B "O3'" 1 
ATOM   230 C "C2'" . DC  B 1 2  ? -8.273  -9.254  -2.401  1.00 23.00 ? 12 DC  B "C2'" 1 
ATOM   231 C "C1'" . DC  B 1 2  ? -8.079  -9.648  -3.847  1.00 22.27 ? 12 DC  B "C1'" 1 
ATOM   232 N N1    . DC  B 1 2  ? -6.845  -9.031  -4.428  1.00 22.21 ? 12 DC  B N1    1 
ATOM   233 C C2    . DC  B 1 2  ? -5.629  -9.702  -4.247  1.00 19.17 ? 12 DC  B C2    1 
ATOM   234 O O2    . DC  B 1 2  ? -5.501  -10.606 -3.421  1.00 17.85 ? 12 DC  B O2    1 
ATOM   235 N N3    . DC  B 1 2  ? -4.546  -9.319  -4.976  1.00 18.00 ? 12 DC  B N3    1 
ATOM   236 C C4    . DC  B 1 2  ? -4.589  -8.225  -5.744  1.00 19.19 ? 12 DC  B C4    1 
ATOM   237 N N4    . DC  B 1 2  ? -3.442  -7.724  -6.227  1.00 18.03 ? 12 DC  B N4    1 
ATOM   238 C C5    . DC  B 1 2  ? -5.837  -7.552  -5.981  1.00 19.03 ? 12 DC  B C5    1 
ATOM   239 C C6    . DC  B 1 2  ? -6.922  -7.981  -5.298  1.00 20.43 ? 12 DC  B C6    1 
ATOM   240 P P     . DG  B 1 3  ? -9.031  -6.526  -0.313  1.00 26.34 ? 13 DG  B P     1 
ATOM   241 O OP1   . DG  B 1 3  ? -10.012 -6.266  0.766   1.00 28.61 ? 13 DG  B OP1   1 
ATOM   242 O OP2   . DG  B 1 3  ? -8.512  -5.407  -1.143  1.00 23.19 ? 13 DG  B OP2   1 
ATOM   243 O "O5'" . DG  B 1 3  ? -7.823  -7.276  0.412   1.00 26.49 ? 13 DG  B "O5'" 1 
ATOM   244 C "C5'" . DG  B 1 3  ? -8.015  -8.346  1.352   1.00 22.93 ? 13 DG  B "C5'" 1 
ATOM   245 C "C4'" . DG  B 1 3  ? -6.662  -9.045  1.609   1.00 21.72 ? 13 DG  B "C4'" 1 
ATOM   246 O "O4'" . DG  B 1 3  ? -6.071  -9.541  0.399   1.00 16.26 ? 13 DG  B "O4'" 1 
ATOM   247 C "C3'" . DG  B 1 3  ? -5.630  -8.104  2.133   1.00 21.63 ? 13 DG  B "C3'" 1 
ATOM   248 O "O3'" . DG  B 1 3  ? -5.881  -7.792  3.496   1.00 28.48 ? 13 DG  B "O3'" 1 
ATOM   249 C "C2'" . DG  B 1 3  ? -4.452  -9.008  1.926   1.00 20.74 ? 13 DG  B "C2'" 1 
ATOM   250 C "C1'" . DG  B 1 3  ? -4.651  -9.505  0.510   1.00 18.06 ? 13 DG  B "C1'" 1 
ATOM   251 N N9    . DG  B 1 3  ? -4.004  -8.593  -0.453  1.00 18.16 ? 13 DG  B N9    1 
ATOM   252 C C8    . DG  B 1 3  ? -4.554  -7.706  -1.350  1.00 14.64 ? 13 DG  B C8    1 
ATOM   253 N N7    . DG  B 1 3  ? -3.680  -7.198  -2.173  1.00 16.63 ? 13 DG  B N7    1 
ATOM   254 C C5    . DG  B 1 3  ? -2.449  -7.696  -1.739  1.00 16.75 ? 13 DG  B C5    1 
ATOM   255 C C6    . DG  B 1 3  ? -1.140  -7.462  -2.217  1.00 14.83 ? 13 DG  B C6    1 
ATOM   256 O O6    . DG  B 1 3  ? -0.783  -6.642  -3.045  1.00 16.02 ? 13 DG  B O6    1 
ATOM   257 N N1    . DG  B 1 3  ? -0.187  -8.245  -1.565  1.00 16.83 ? 13 DG  B N1    1 
ATOM   258 C C2    . DG  B 1 3  ? -0.448  -9.059  -0.472  1.00 18.06 ? 13 DG  B C2    1 
ATOM   259 N N2    . DG  B 1 3  ? 0.546   -9.687  0.151   1.00 16.27 ? 13 DG  B N2    1 
ATOM   260 N N3    . DG  B 1 3  ? -1.683  -9.237  0.010   1.00 20.01 ? 13 DG  B N3    1 
ATOM   261 C C4    . DG  B 1 3  ? -2.638  -8.544  -0.683  1.00 19.11 ? 13 DG  B C4    1 
ATOM   262 P P     . DG  B 1 4  ? -5.192  -6.489  4.128   1.00 29.85 ? 14 DG  B P     1 
ATOM   263 O OP1   . DG  B 1 4  ? -5.779  -6.580  5.473   1.00 28.36 ? 14 DG  B OP1   1 
ATOM   264 O OP2   . DG  B 1 4  ? -5.383  -5.282  3.282   1.00 26.51 ? 14 DG  B OP2   1 
ATOM   265 O "O5'" . DG  B 1 4  ? -3.589  -6.700  4.297   1.00 28.59 ? 14 DG  B "O5'" 1 
ATOM   266 C "C5'" . DG  B 1 4  ? -3.137  -7.734  5.178   1.00 21.74 ? 14 DG  B "C5'" 1 
ATOM   267 C "C4'" . DG  B 1 4  ? -1.660  -7.982  4.994   1.00 19.17 ? 14 DG  B "C4'" 1 
ATOM   268 O "O4'" . DG  B 1 4  ? -1.402  -8.262  3.619   1.00 16.59 ? 14 DG  B "O4'" 1 
ATOM   269 C "C3'" . DG  B 1 4  ? -0.824  -6.797  5.351   1.00 17.58 ? 14 DG  B "C3'" 1 
ATOM   270 O "O3'" . DG  B 1 4  ? -0.689  -6.718  6.777   1.00 21.27 ? 14 DG  B "O3'" 1 
ATOM   271 C "C2'" . DG  B 1 4  ? 0.431   -7.245  4.652   1.00 17.28 ? 14 DG  B "C2'" 1 
ATOM   272 C "C1'" . DG  B 1 4  ? -0.093  -7.804  3.327   1.00 16.12 ? 14 DG  B "C1'" 1 
ATOM   273 N N9    . DG  B 1 4  ? -0.177  -6.795  2.284   1.00 15.91 ? 14 DG  B N9    1 
ATOM   274 C C8    . DG  B 1 4  ? -1.266  -6.125  1.787   1.00 15.54 ? 14 DG  B C8    1 
ATOM   275 N N7    . DG  B 1 4  ? -0.963  -5.310  0.816   1.00 15.85 ? 14 DG  B N7    1 
ATOM   276 C C5    . DG  B 1 4  ? 0.410   -5.509  0.607   1.00 16.50 ? 14 DG  B C5    1 
ATOM   277 C C6    . DG  B 1 4  ? 1.315   -4.878  -0.305  1.00 15.74 ? 14 DG  B C6    1 
ATOM   278 O O6    . DG  B 1 4  ? 1.062   -4.132  -1.261  1.00 15.87 ? 14 DG  B O6    1 
ATOM   279 N N1    . DG  B 1 4  ? 2.646   -5.199  -0.009  1.00 14.37 ? 14 DG  B N1    1 
ATOM   280 C C2    . DG  B 1 4  ? 3.063   -6.053  0.997   1.00 15.68 ? 14 DG  B C2    1 
ATOM   281 N N2    . DG  B 1 4  ? 4.385   -6.242  1.162   1.00 15.63 ? 14 DG  B N2    1 
ATOM   282 N N3    . DG  B 1 4  ? 2.197   -6.689  1.804   1.00 15.69 ? 14 DG  B N3    1 
ATOM   283 C C4    . DG  B 1 4  ? 0.901   -6.378  1.545   1.00 15.95 ? 14 DG  B C4    1 
ATOM   284 P P     . C   B 1 5  ? -0.570  -5.265  7.488   1.00 23.36 ? 15 C   B P     1 
ATOM   285 O OP1   . C   B 1 5  ? -0.893  -5.517  8.911   1.00 23.31 ? 15 C   B OP1   1 
ATOM   286 O OP2   . C   B 1 5  ? -1.328  -4.247  6.734   1.00 21.12 ? 15 C   B OP2   1 
ATOM   287 O "O5'" . C   B 1 5  ? 0.947   -4.782  7.416   1.00 20.04 ? 15 C   B "O5'" 1 
ATOM   288 C "C5'" . C   B 1 5  ? 1.906   -5.513  8.164   1.00 21.19 ? 15 C   B "C5'" 1 
ATOM   289 C "C4'" . C   B 1 5  ? 3.315   -5.283  7.639   1.00 22.52 ? 15 C   B "C4'" 1 
ATOM   290 O "O4'" . C   B 1 5  ? 3.423   -5.655  6.257   1.00 23.25 ? 15 C   B "O4'" 1 
ATOM   291 C "C3'" . C   B 1 5  ? 3.630   -3.820  7.623   1.00 24.36 ? 15 C   B "C3'" 1 
ATOM   292 O "O3'" . C   B 1 5  ? 3.901   -3.296  8.931   1.00 26.64 ? 15 C   B "O3'" 1 
ATOM   293 C "C2'" . C   B 1 5  ? 4.827   -3.846  6.685   1.00 25.76 ? 15 C   B "C2'" 1 
ATOM   294 O "O2'" . C   B 1 5  ? 5.927   -4.432  7.382   1.00 27.91 ? 15 C   B "O2'" 1 
ATOM   295 C "C1'" . C   B 1 5  ? 4.335   -4.766  5.558   1.00 23.73 ? 15 C   B "C1'" 1 
ATOM   296 N N1    . C   B 1 5  ? 3.678   -4.056  4.418   1.00 20.21 ? 15 C   B N1    1 
ATOM   297 C C2    . C   B 1 5  ? 4.444   -3.606  3.359   1.00 21.25 ? 15 C   B C2    1 
ATOM   298 O O2    . C   B 1 5  ? 5.659   -3.759  3.330   1.00 17.32 ? 15 C   B O2    1 
ATOM   299 N N3    . C   B 1 5  ? 3.807   -2.951  2.341   1.00 19.55 ? 15 C   B N3    1 
ATOM   300 C C4    . C   B 1 5  ? 2.489   -2.685  2.402   1.00 19.36 ? 15 C   B C4    1 
ATOM   301 N N4    . C   B 1 5  ? 1.885   -2.027  1.415   1.00 20.93 ? 15 C   B N4    1 
ATOM   302 C C5    . C   B 1 5  ? 1.709   -3.084  3.513   1.00 17.12 ? 15 C   B C5    1 
ATOM   303 C C6    . C   B 1 5  ? 2.341   -3.795  4.460   1.00 19.59 ? 15 C   B C6    1 
ATOM   304 P P     . G   B 1 6  ? 3.909   -1.693  9.120   1.00 32.65 ? 16 G   B P     1 
ATOM   305 O OP1   . G   B 1 6  ? 4.251   -1.587  10.555  1.00 34.71 ? 16 G   B OP1   1 
ATOM   306 O OP2   . G   B 1 6  ? 2.616   -1.159  8.624   1.00 31.42 ? 16 G   B OP2   1 
ATOM   307 O "O5'" . G   B 1 6  ? 5.031   -0.926  8.311   1.00 29.22 ? 16 G   B "O5'" 1 
ATOM   308 C "C5'" . G   B 1 6  ? 6.422   -1.074  8.573   1.00 24.99 ? 16 G   B "C5'" 1 
ATOM   309 C "C4'" . G   B 1 6  ? 7.170   -0.340  7.489   1.00 22.04 ? 16 G   B "C4'" 1 
ATOM   310 O "O4'" . G   B 1 6  ? 6.717   -0.842  6.235   1.00 20.13 ? 16 G   B "O4'" 1 
ATOM   311 C "C3'" . G   B 1 6  ? 6.766   1.114   7.374   1.00 23.09 ? 16 G   B "C3'" 1 
ATOM   312 O "O3'" . G   B 1 6  ? 7.375   1.957   8.358   1.00 25.64 ? 16 G   B "O3'" 1 
ATOM   313 C "C2'" . G   B 1 6  ? 7.242   1.434   5.976   1.00 22.06 ? 16 G   B "C2'" 1 
ATOM   314 O "O2'" . G   B 1 6  ? 8.671   1.549   5.987   1.00 23.85 ? 16 G   B "O2'" 1 
ATOM   315 C "C1'" . G   B 1 6  ? 6.825   0.178   5.219   1.00 19.24 ? 16 G   B "C1'" 1 
ATOM   316 N N9    . G   B 1 6  ? 5.528   0.340   4.523   1.00 14.33 ? 16 G   B N9    1 
ATOM   317 C C8    . G   B 1 6  ? 4.286   -0.084  4.922   1.00 14.77 ? 16 G   B C8    1 
ATOM   318 N N7    . G   B 1 6  ? 3.324   0.177   4.058   1.00 14.09 ? 16 G   B N7    1 
ATOM   319 C C5    . G   B 1 6  ? 3.991   0.816   3.015   1.00 13.66 ? 16 G   B C5    1 
ATOM   320 C C6    . G   B 1 6  ? 3.466   1.346   1.812   1.00 12.89 ? 16 G   B C6    1 
ATOM   321 O O6    . G   B 1 6  ? 2.312   1.254   1.415   1.00 12.71 ? 16 G   B O6    1 
ATOM   322 N N1    . G   B 1 6  ? 4.418   2.001   1.066   1.00 10.91 ? 16 G   B N1    1 
ATOM   323 C C2    . G   B 1 6  ? 5.738   2.133   1.428   1.00 13.65 ? 16 G   B C2    1 
ATOM   324 N N2    . G   B 1 6  ? 6.538   2.764   0.581   1.00 9.87  ? 16 G   B N2    1 
ATOM   325 N N3    . G   B 1 6  ? 6.251   1.626   2.567   1.00 12.60 ? 16 G   B N3    1 
ATOM   326 C C4    . G   B 1 6  ? 5.327   0.958   3.304   1.00 14.68 ? 16 G   B C4    1 
ATOM   327 P P     . DC  B 1 7  ? 6.554   3.260   8.853   1.00 24.97 ? 17 DC  B P     1 
ATOM   328 O OP1   . DC  B 1 7  ? 7.152   3.863   10.053  1.00 28.69 ? 17 DC  B OP1   1 
ATOM   329 O OP2   . DC  B 1 7  ? 5.098   3.012   8.834   1.00 21.84 ? 17 DC  B OP2   1 
ATOM   330 O "O5'" . DC  B 1 7  ? 6.942   4.232   7.618   1.00 23.59 ? 17 DC  B "O5'" 1 
ATOM   331 C "C5'" . DC  B 1 7  ? 8.253   4.804   7.519   1.00 20.93 ? 17 DC  B "C5'" 1 
ATOM   332 C "C4'" . DC  B 1 7  ? 8.398   5.728   6.307   1.00 21.25 ? 17 DC  B "C4'" 1 
ATOM   333 O "O4'" . DC  B 1 7  ? 8.055   4.994   5.136   1.00 19.66 ? 17 DC  B "O4'" 1 
ATOM   334 C "C3'" . DC  B 1 7  ? 7.439   6.917   6.328   1.00 19.92 ? 17 DC  B "C3'" 1 
ATOM   335 O "O3'" . DC  B 1 7  ? 7.974   7.976   7.096   1.00 21.26 ? 17 DC  B "O3'" 1 
ATOM   336 C "C2'" . DC  B 1 7  ? 7.398   7.264   4.872   1.00 19.29 ? 17 DC  B "C2'" 1 
ATOM   337 C "C1'" . DC  B 1 7  ? 7.358   5.881   4.228   1.00 19.39 ? 17 DC  B "C1'" 1 
ATOM   338 N N1    . DC  B 1 7  ? 5.982   5.406   3.923   1.00 14.34 ? 17 DC  B N1    1 
ATOM   339 C C2    . DC  B 1 7  ? 5.432   5.799   2.721   1.00 17.96 ? 17 DC  B C2    1 
ATOM   340 O O2    . DC  B 1 7  ? 6.051   6.524   1.924   1.00 17.68 ? 17 DC  B O2    1 
ATOM   341 N N3    . DC  B 1 7  ? 4.169   5.364   2.424   1.00 12.18 ? 17 DC  B N3    1 
ATOM   342 C C4    . DC  B 1 7  ? 3.469   4.616   3.267   1.00 12.09 ? 17 DC  B C4    1 
ATOM   343 N N4    . DC  B 1 7  ? 2.242   4.245   2.899   1.00 9.11  ? 17 DC  B N4    1 
ATOM   344 C C5    . DC  B 1 7  ? 4.005   4.237   4.535   1.00 11.53 ? 17 DC  B C5    1 
ATOM   345 C C6    . DC  B 1 7  ? 5.267   4.630   4.800   1.00 14.41 ? 17 DC  B C6    1 
ATOM   346 P P     . DC  B 1 8  ? 6.910   8.962   7.807   1.00 29.16 ? 18 DC  B P     1 
ATOM   347 O OP1   . DC  B 1 8  ? 8.025   9.797   8.309   1.00 34.80 ? 18 DC  B OP1   1 
ATOM   348 O OP2   . DC  B 1 8  ? 5.968   8.358   8.784   1.00 30.41 ? 18 DC  B OP2   1 
ATOM   349 O "O5'" . DC  B 1 8  ? 6.043   9.875   6.818   1.00 29.48 ? 18 DC  B "O5'" 1 
ATOM   350 C "C5'" . DC  B 1 8  ? 6.659   10.773  5.919   1.00 27.18 ? 18 DC  B "C5'" 1 
ATOM   351 C "C4'" . DC  B 1 8  ? 5.744   11.009  4.731   1.00 25.46 ? 18 DC  B "C4'" 1 
ATOM   352 O "O4'" . DC  B 1 8  ? 5.399   9.750   4.175   1.00 22.66 ? 18 DC  B "O4'" 1 
ATOM   353 C "C3'" . DC  B 1 8  ? 4.414   11.632  5.092   1.00 23.69 ? 18 DC  B "C3'" 1 
ATOM   354 O "O3'" . DC  B 1 8  ? 4.511   13.028  5.310   1.00 26.69 ? 18 DC  B "O3'" 1 
ATOM   355 C "C2'" . DC  B 1 8  ? 3.678   11.337  3.833   1.00 21.46 ? 18 DC  B "C2'" 1 
ATOM   356 C "C1'" . DC  B 1 8  ? 4.173   9.943   3.460   1.00 21.75 ? 18 DC  B "C1'" 1 
ATOM   357 N N1    . DC  B 1 8  ? 3.175   8.889   3.735   1.00 18.26 ? 18 DC  B N1    1 
ATOM   358 C C2    . DC  B 1 8  ? 2.120   8.792   2.833   1.00 18.54 ? 18 DC  B C2    1 
ATOM   359 O O2    . DC  B 1 8  ? 2.101   9.412   1.763   1.00 18.96 ? 18 DC  B O2    1 
ATOM   360 N N3    . DC  B 1 8  ? 1.090   7.982   3.132   1.00 15.15 ? 18 DC  B N3    1 
ATOM   361 C C4    . DC  B 1 8  ? 1.068   7.294   4.291   1.00 18.61 ? 18 DC  B C4    1 
ATOM   362 N N4    . DC  B 1 8  ? 0.084   6.399   4.479   1.00 16.46 ? 18 DC  B N4    1 
ATOM   363 C C5    . DC  B 1 8  ? 2.123   7.412   5.253   1.00 16.20 ? 18 DC  B C5    1 
ATOM   364 C C6    . DC  B 1 8  ? 3.167   8.205   4.926   1.00 18.69 ? 18 DC  B C6    1 
ATOM   365 P P     . DG  B 1 9  ? 3.278   13.769  6.044   1.00 30.34 ? 19 DG  B P     1 
ATOM   366 O OP1   . DG  B 1 9  ? 3.991   15.047  6.269   1.00 31.14 ? 19 DG  B OP1   1 
ATOM   367 O OP2   . DG  B 1 9  ? 2.749   13.013  7.194   1.00 31.33 ? 19 DG  B OP2   1 
ATOM   368 O "O5'" . DG  B 1 9  ? 2.071   13.988  5.001   1.00 25.71 ? 19 DG  B "O5'" 1 
ATOM   369 C "C5'" . DG  B 1 9  ? 2.206   14.839  3.875   1.00 18.20 ? 19 DG  B "C5'" 1 
ATOM   370 C "C4'" . DG  B 1 9  ? 1.092   14.538  2.880   1.00 16.20 ? 19 DG  B "C4'" 1 
ATOM   371 O "O4'" . DG  B 1 9  ? 1.032   13.150  2.651   1.00 13.43 ? 19 DG  B "O4'" 1 
ATOM   372 C "C3'" . DG  B 1 9  ? -0.314  14.864  3.301   1.00 15.49 ? 19 DG  B "C3'" 1 
ATOM   373 O "O3'" . DG  B 1 9  ? -0.511  16.287  3.228   1.00 17.80 ? 19 DG  B "O3'" 1 
ATOM   374 C "C2'" . DG  B 1 9  ? -0.993  14.117  2.204   1.00 10.50 ? 19 DG  B "C2'" 1 
ATOM   375 C "C1'" . DG  B 1 9  ? -0.295  12.779  2.214   1.00 14.64 ? 19 DG  B "C1'" 1 
ATOM   376 N N9    . DG  B 1 9  ? -0.868  11.857  3.216   1.00 12.50 ? 19 DG  B N9    1 
ATOM   377 C C8    . DG  B 1 9  ? -0.273  11.368  4.359   1.00 13.18 ? 19 DG  B C8    1 
ATOM   378 N N7    . DG  B 1 9  ? -0.910  10.377  4.923   1.00 14.32 ? 19 DG  B N7    1 
ATOM   379 C C5    . DG  B 1 9  ? -2.036  10.219  4.118   1.00 11.03 ? 19 DG  B C5    1 
ATOM   380 C C6    . DG  B 1 9  ? -3.088  9.276   4.217   1.00 14.72 ? 19 DG  B C6    1 
ATOM   381 O O6    . DG  B 1 9  ? -3.214  8.387   5.057   1.00 17.85 ? 19 DG  B O6    1 
ATOM   382 N N1    . DG  B 1 9  ? -4.026  9.436   3.184   1.00 17.16 ? 19 DG  B N1    1 
ATOM   383 C C2    . DG  B 1 9  ? -3.957  10.424  2.215   1.00 14.87 ? 19 DG  B C2    1 
ATOM   384 N N2    . DG  B 1 9  ? -4.987  10.611  1.381   1.00 14.10 ? 19 DG  B N2    1 
ATOM   385 N N3    . DG  B 1 9  ? -2.911  11.236  2.096   1.00 13.14 ? 19 DG  B N3    1 
ATOM   386 C C4    . DG  B 1 9  ? -2.005  11.098  3.073   1.00 12.66 ? 19 DG  B C4    1 
ATOM   387 P P     . DG  B 1 10 ? -1.721  17.031  4.059   1.00 19.32 ? 20 DG  B P     1 
ATOM   388 O OP1   . DG  B 1 10 ? -1.616  18.503  3.890   1.00 24.47 ? 20 DG  B OP1   1 
ATOM   389 O OP2   . DG  B 1 10 ? -1.833  16.477  5.420   1.00 16.22 ? 20 DG  B OP2   1 
ATOM   390 O "O5'" . DG  B 1 10 ? -2.983  16.502  3.153   1.00 15.08 ? 20 DG  B "O5'" 1 
ATOM   391 C "C5'" . DG  B 1 10 ? -3.378  17.051  1.883   1.00 14.42 ? 20 DG  B "C5'" 1 
ATOM   392 C "C4'" . DG  B 1 10 ? -4.784  16.550  1.484   1.00 16.89 ? 20 DG  B "C4'" 1 
ATOM   393 O "O4'" . DG  B 1 10 ? -4.812  15.113  1.438   1.00 19.86 ? 20 DG  B "O4'" 1 
ATOM   394 C "C3'" . DG  B 1 10 ? -5.873  16.907  2.484   1.00 17.24 ? 20 DG  B "C3'" 1 
ATOM   395 O "O3'" . DG  B 1 10 ? -6.334  18.249  2.239   1.00 19.46 ? 20 DG  B "O3'" 1 
ATOM   396 C "C2'" . DG  B 1 10 ? -6.911  15.878  2.134   1.00 15.85 ? 20 DG  B "C2'" 1 
ATOM   397 C "C1'" . DG  B 1 10 ? -6.084  14.621  1.873   1.00 17.93 ? 20 DG  B "C1'" 1 
ATOM   398 N N9    . DG  B 1 10 ? -5.867  13.756  3.053   1.00 17.62 ? 20 DG  B N9    1 
ATOM   399 C C8    . DG  B 1 10 ? -4.835  13.761  3.963   1.00 14.93 ? 20 DG  B C8    1 
ATOM   400 N N7    . DG  B 1 10 ? -4.913  12.800  4.848   1.00 17.75 ? 20 DG  B N7    1 
ATOM   401 C C5    . DG  B 1 10 ? -6.048  12.066  4.463   1.00 18.51 ? 20 DG  B C5    1 
ATOM   402 C C6    . DG  B 1 10 ? -6.645  10.896  5.049   1.00 18.81 ? 20 DG  B C6    1 
ATOM   403 O O6    . DG  B 1 10 ? -6.249  10.217  6.001   1.00 22.06 ? 20 DG  B O6    1 
ATOM   404 N N1    . DG  B 1 10 ? -7.813  10.537  4.411   1.00 17.35 ? 20 DG  B N1    1 
ATOM   405 C C2    . DG  B 1 10 ? -8.379  11.223  3.354   1.00 18.53 ? 20 DG  B C2    1 
ATOM   406 N N2    . DG  B 1 10 ? -9.573  10.806  2.921   1.00 19.54 ? 20 DG  B N2    1 
ATOM   407 N N3    . DG  B 1 10 ? -7.788  12.267  2.760   1.00 21.25 ? 20 DG  B N3    1 
ATOM   408 C C4    . DG  B 1 10 ? -6.636  12.648  3.371   1.00 17.13 ? 20 DG  B C4    1 
HETATM 409 O O     . HOH C 2 .  ? -7.592  11.130  -0.715  1.00 34.24 ? 22 HOH A O     1 
HETATM 410 O O     . HOH C 2 .  ? -1.977  4.721   -2.761  1.00 35.58 ? 23 HOH A O     1 
HETATM 411 O O     . HOH C 2 .  ? 0.229   -20.450 -4.812  1.00 40.73 ? 26 HOH A O     1 
HETATM 412 O O     . HOH C 2 .  ? 0.046   4.960   -5.699  1.00 43.53 ? 30 HOH A O     1 
HETATM 413 O O     . HOH C 2 .  ? -2.308  -13.603 -0.270  1.00 44.43 ? 31 HOH A O     1 
HETATM 414 O O     . HOH C 2 .  ? -0.982  3.526   1.099   1.00 45.24 ? 32 HOH A O     1 
HETATM 415 O O     . HOH C 2 .  ? 6.979   -10.846 -7.517  1.00 45.44 ? 33 HOH A O     1 
HETATM 416 O O     . HOH C 2 .  ? 0.762   -0.827  -2.002  1.00 46.03 ? 34 HOH A O     1 
HETATM 417 O O     . HOH C 2 .  ? 2.821   0.647   -4.816  1.00 46.97 ? 35 HOH A O     1 
HETATM 418 O O     . HOH C 2 .  ? 5.529   -1.400  -7.254  1.00 52.99 ? 40 HOH A O     1 
HETATM 419 O O     . HOH C 2 .  ? 9.099   5.822   -7.385  1.00 55.14 ? 45 HOH A O     1 
HETATM 420 O O     . HOH C 2 .  ? 9.999   5.190   -3.341  1.00 57.83 ? 48 HOH A O     1 
HETATM 421 O O     . HOH C 2 .  ? -9.179  2.530   7.936   1.00 57.45 ? 49 HOH A O     1 
HETATM 422 O O     . HOH C 2 .  ? -11.841 4.317   9.150   1.00 57.69 ? 50 HOH A O     1 
HETATM 423 O O     . HOH C 2 .  ? -1.325  2.261   -1.438  1.00 58.17 ? 53 HOH A O     1 
HETATM 424 O O     . HOH C 2 .  ? 13.097  -1.150  -4.801  1.00 63.69 ? 54 HOH A O     1 
HETATM 425 O O     . HOH C 2 .  ? 4.192   -18.816 -6.627  1.00 68.30 ? 56 HOH A O     1 
HETATM 426 O O     . HOH C 2 .  ? -8.709  2.648   5.187   1.00 71.56 ? 58 HOH A O     1 
HETATM 427 O O     . HOH C 2 .  ? 11.935  3.081   -2.111  1.00 71.66 ? 59 HOH A O     1 
HETATM 428 O O     . HOH C 2 .  ? 1.474   -8.580  -6.429  1.00 72.28 ? 61 HOH A O     1 
HETATM 429 O O     . HOH C 2 .  ? 3.332   -13.797 -7.250  1.00 84.32 ? 67 HOH A O     1 
HETATM 430 O O     . HOH C 2 .  ? 3.022   -2.006  -5.937  1.00 84.44 ? 68 HOH A O     1 
HETATM 431 O O     . HOH C 2 .  ? 9.147   -12.739 -7.337  1.00 80.01 ? 71 HOH A O     1 
HETATM 432 O O     . HOH C 2 .  ? 5.928   -8.353  -6.515  1.00 87.47 ? 73 HOH A O     1 
HETATM 433 O O     . HOH C 2 .  ? 2.437   2.914   -6.537  1.00 89.99 ? 75 HOH A O     1 
HETATM 434 O O     . HOH C 2 .  ? 1.243   -11.832 -7.920  1.00 80.16 ? 76 HOH A O     1 
HETATM 435 O O     . HOH C 2 .  ? 12.904  1.545   -4.171  1.00 84.91 ? 77 HOH A O     1 
HETATM 436 O O     . HOH C 2 .  ? 1.589   10.497  -9.790  1.00 74.53 ? 78 HOH A O     1 
HETATM 437 O O     . HOH C 2 .  ? -4.131  3.122   -3.346  1.00 78.14 ? 80 HOH A O     1 
HETATM 438 O O     . HOH C 2 .  ? -5.586  5.836   8.277   1.00 73.65 ? 82 HOH A O     1 
HETATM 439 O O     . HOH D 2 .  ? 7.868   6.273   -0.188  1.00 31.41 ? 21 HOH B O     1 
HETATM 440 O O     . HOH D 2 .  ? -4.026  -4.791  -3.408  1.00 36.52 ? 24 HOH B O     1 
HETATM 441 O O     . HOH D 2 .  ? -0.625  -8.834  9.340   1.00 40.12 ? 25 HOH B O     1 
HETATM 442 O O     . HOH D 2 .  ? -0.466  9.392   7.452   1.00 40.29 ? 27 HOH B O     1 
HETATM 443 O O     . HOH D 2 .  ? 3.071   2.356   7.408   1.00 41.07 ? 28 HOH B O     1 
HETATM 444 O O     . HOH D 2 .  ? 0.203   17.199  7.830   1.00 41.28 ? 29 HOH B O     1 
HETATM 445 O O     . HOH D 2 .  ? -13.984 -5.418  -5.409  1.00 47.10 ? 36 HOH B O     1 
HETATM 446 O O     . HOH D 2 .  ? 8.914   0.437   11.451  1.00 48.45 ? 37 HOH B O     1 
HETATM 447 O O     . HOH D 2 .  ? -7.273  -4.180  -3.529  1.00 49.24 ? 38 HOH B O     1 
HETATM 448 O O     . HOH D 2 .  ? -3.040  -3.352  0.290   1.00 50.61 ? 39 HOH B O     1 
HETATM 449 O O     . HOH D 2 .  ? -2.458  12.323  8.090   1.00 52.77 ? 41 HOH B O     1 
HETATM 450 O O     . HOH D 2 .  ? 3.822   6.851   8.004   1.00 53.00 ? 42 HOH B O     1 
HETATM 451 O O     . HOH D 2 .  ? -2.884  -3.352  3.647   1.00 54.54 ? 43 HOH B O     1 
HETATM 452 O O     . HOH D 2 .  ? -1.031  -1.765  1.903   1.00 55.94 ? 44 HOH B O     1 
HETATM 453 O O     . HOH D 2 .  ? 10.618  1.421   8.450   1.00 56.69 ? 46 HOH B O     1 
HETATM 454 O O     . HOH D 2 .  ? 0.489   0.234   3.968   1.00 56.24 ? 47 HOH B O     1 
HETATM 455 O O     . HOH D 2 .  ? 0.838   3.158   5.178   1.00 57.71 ? 51 HOH B O     1 
HETATM 456 O O     . HOH D 2 .  ? -3.557  9.719   7.684   1.00 58.85 ? 52 HOH B O     1 
HETATM 457 O O     . HOH D 2 .  ? -1.118  -6.778  12.013  1.00 66.00 ? 55 HOH B O     1 
HETATM 458 O O     . HOH D 2 .  ? 2.170   9.165   8.286   1.00 70.81 ? 57 HOH B O     1 
HETATM 459 O O     . HOH D 2 .  ? 5.951   -4.283  10.320  1.00 71.09 ? 60 HOH B O     1 
HETATM 460 O O     . HOH D 2 .  ? 2.912   17.385  8.423   1.00 77.96 ? 62 HOH B O     1 
HETATM 461 O O     . HOH D 2 .  ? -1.285  -5.568  -5.530  1.00 77.81 ? 63 HOH B O     1 
HETATM 462 O O     . HOH D 2 .  ? 7.346   -2.405  11.957  1.00 79.94 ? 64 HOH B O     1 
HETATM 463 O O     . HOH D 2 .  ? 1.292   -8.118  11.366  1.00 80.89 ? 65 HOH B O     1 
HETATM 464 O O     . HOH D 2 .  ? -13.100 -2.286  -6.581  1.00 80.68 ? 66 HOH B O     1 
HETATM 465 O O     . HOH D 2 .  ? 4.046   -7.637  10.703  1.00 86.34 ? 69 HOH B O     1 
HETATM 466 O O     . HOH D 2 .  ? -5.352  -4.163  -0.986  1.00 80.02 ? 70 HOH B O     1 
HETATM 467 O O     . HOH D 2 .  ? 9.339   3.519   11.959  1.00 82.63 ? 72 HOH B O     1 
HETATM 468 O O     . HOH D 2 .  ? 10.047  6.407   1.503   1.00 89.54 ? 74 HOH B O     1 
HETATM 469 O O     . HOH D 2 .  ? 10.803  3.923   3.705   1.00 76.58 ? 79 HOH B O     1 
HETATM 470 O O     . HOH D 2 .  ? -3.173  6.205   6.678   1.00 72.72 ? 81 HOH B O     1 
# 
